data_1YDL
# 
_entry.id   1YDL 
# 
_audit_conform.dict_name       mmcif_pdbx.dic 
_audit_conform.dict_version    5.397 
_audit_conform.dict_location   http://mmcif.pdb.org/dictionaries/ascii/mmcif_pdbx.dic 
# 
loop_
_database_2.database_id 
_database_2.database_code 
_database_2.pdbx_database_accession 
_database_2.pdbx_DOI 
PDB   1YDL         pdb_00001ydl 10.2210/pdb1ydl/pdb 
RCSB  RCSB031407   ?            ?                   
WWPDB D_1000031407 ?            ?                   
# 
loop_
_pdbx_audit_revision_history.ordinal 
_pdbx_audit_revision_history.data_content_type 
_pdbx_audit_revision_history.major_revision 
_pdbx_audit_revision_history.minor_revision 
_pdbx_audit_revision_history.revision_date 
1 'Structure model' 1 0 2005-02-08 
2 'Structure model' 1 1 2008-04-30 
3 'Structure model' 1 2 2011-07-13 
4 'Structure model' 1 3 2017-10-11 
5 'Structure model' 1 4 2021-10-20 
6 'Structure model' 1 5 2024-10-30 
# 
_pdbx_audit_revision_details.ordinal             1 
_pdbx_audit_revision_details.revision_ordinal    1 
_pdbx_audit_revision_details.data_content_type   'Structure model' 
_pdbx_audit_revision_details.provider            repository 
_pdbx_audit_revision_details.type                'Initial release' 
_pdbx_audit_revision_details.description         ? 
_pdbx_audit_revision_details.details             ? 
# 
loop_
_pdbx_audit_revision_group.ordinal 
_pdbx_audit_revision_group.revision_ordinal 
_pdbx_audit_revision_group.data_content_type 
_pdbx_audit_revision_group.group 
1 2 'Structure model' 'Version format compliance' 
2 3 'Structure model' 'Version format compliance' 
3 4 'Structure model' 'Refinement description'    
4 5 'Structure model' 'Database references'       
5 5 'Structure model' 'Derived calculations'      
6 6 'Structure model' 'Data collection'           
7 6 'Structure model' 'Structure summary'         
# 
loop_
_pdbx_audit_revision_category.ordinal 
_pdbx_audit_revision_category.revision_ordinal 
_pdbx_audit_revision_category.data_content_type 
_pdbx_audit_revision_category.category 
1 4 'Structure model' software                  
2 5 'Structure model' database_2                
3 5 'Structure model' struct_conn               
4 5 'Structure model' struct_ref_seq_dif        
5 6 'Structure model' chem_comp_atom            
6 6 'Structure model' chem_comp_bond            
7 6 'Structure model' pdbx_entry_details        
8 6 'Structure model' pdbx_modification_feature 
# 
loop_
_pdbx_audit_revision_item.ordinal 
_pdbx_audit_revision_item.revision_ordinal 
_pdbx_audit_revision_item.data_content_type 
_pdbx_audit_revision_item.item 
1 4 'Structure model' '_software.name'                      
2 5 'Structure model' '_database_2.pdbx_DOI'                
3 5 'Structure model' '_database_2.pdbx_database_accession' 
4 5 'Structure model' '_struct_conn.pdbx_leaving_atom_flag' 
5 5 'Structure model' '_struct_ref_seq_dif.details'         
# 
_pdbx_database_status.status_code                     REL 
_pdbx_database_status.entry_id                        1YDL 
_pdbx_database_status.recvd_initial_deposition_date   2004-12-24 
_pdbx_database_status.deposit_site                    RCSB 
_pdbx_database_status.process_site                    RCSB 
_pdbx_database_status.status_code_sf                  REL 
_pdbx_database_status.status_code_mr                  ? 
_pdbx_database_status.SG_entry                        Y 
_pdbx_database_status.pdb_format_compatible           Y 
_pdbx_database_status.status_code_cs                  ? 
_pdbx_database_status.methods_development_category    ? 
_pdbx_database_status.status_code_nmr_data            ? 
# 
_pdbx_database_related.db_name        TargetDB 
_pdbx_database_related.db_id          HR2045 
_pdbx_database_related.details        . 
_pdbx_database_related.content_type   unspecified 
# 
loop_
_audit_author.name 
_audit_author.pdbx_ordinal 
'Forouhar, F.'                                    1 
'Edstrom, W.'                                     2 
'Xiao, R.'                                        3 
'Acton, T.B.'                                     4 
'Montelione, G.T.'                                5 
'Tong, L.'                                        6 
'Hunt, J.F.'                                      7 
'Northeast Structural Genomics Consortium (NESG)' 8 
# 
_citation.id                        primary 
_citation.title                     'Crystal Structure of the Human TFIIH, Northeast Structural Genomics Target HR2045.' 
_citation.journal_abbrev            'To be Published' 
_citation.journal_volume            ? 
_citation.page_first                ? 
_citation.page_last                 ? 
_citation.year                      ? 
_citation.journal_id_ASTM           ? 
_citation.country                   ? 
_citation.journal_id_ISSN           ? 
_citation.journal_id_CSD            0353 
_citation.book_publisher            ? 
_citation.pdbx_database_id_PubMed   ? 
_citation.pdbx_database_id_DOI      ? 
# 
loop_
_citation_author.citation_id 
_citation_author.name 
_citation_author.ordinal 
_citation_author.identifier_ORCID 
primary 'Forouhar, F.'     1 ? 
primary 'Edstrom, W.'      2 ? 
primary 'Xiao, R.'         3 ? 
primary 'Acton, T.B.'      4 ? 
primary 'Montelione, G.T.' 5 ? 
primary 'Tong, L.'         6 ? 
primary 'Hunt, J.F.'       7 ? 
# 
loop_
_entity.id 
_entity.type 
_entity.src_method 
_entity.pdbx_description 
_entity.formula_weight 
_entity.pdbx_number_of_molecules 
_entity.pdbx_ec 
_entity.pdbx_mutation 
_entity.pdbx_fragment 
_entity.details 
1 polymer man 'general transcription factor IIH, polypeptide 5' 9234.096 1  ? ? ? ? 
2 water   nat water                                             18.015   35 ? ? ? ? 
# 
_entity_name_com.entity_id   1 
_entity_name_com.name        TFIIH 
# 
_entity_poly.entity_id                      1 
_entity_poly.type                           'polypeptide(L)' 
_entity_poly.nstd_linkage                   no 
_entity_poly.nstd_monomer                   yes 
_entity_poly.pdbx_seq_one_letter_code       
;MGHHHHHHSHGTRKG(MSE)LIECDPA(MSE)KQFLLYLDESNALGKKFIIQDIDDTHVFVIAELVNVLQERVGEL
(MSE)DQNAFSLTQK
;
_entity_poly.pdbx_seq_one_letter_code_can   MGHHHHHHSHGTRKGMLIECDPAMKQFLLYLDESNALGKKFIIQDIDDTHVFVIAELVNVLQERVGELMDQNAFSLTQK 
_entity_poly.pdbx_strand_id                 A 
_entity_poly.pdbx_target_identifier         HR2045 
# 
_pdbx_entity_nonpoly.entity_id   2 
_pdbx_entity_nonpoly.name        water 
_pdbx_entity_nonpoly.comp_id     HOH 
# 
loop_
_entity_poly_seq.entity_id 
_entity_poly_seq.num 
_entity_poly_seq.mon_id 
_entity_poly_seq.hetero 
1 1  MET n 
1 2  GLY n 
1 3  HIS n 
1 4  HIS n 
1 5  HIS n 
1 6  HIS n 
1 7  HIS n 
1 8  HIS n 
1 9  SER n 
1 10 HIS n 
1 11 GLY n 
1 12 THR n 
1 13 ARG n 
1 14 LYS n 
1 15 GLY n 
1 16 MSE n 
1 17 LEU n 
1 18 ILE n 
1 19 GLU n 
1 20 CYS n 
1 21 ASP n 
1 22 PRO n 
1 23 ALA n 
1 24 MSE n 
1 25 LYS n 
1 26 GLN n 
1 27 PHE n 
1 28 LEU n 
1 29 LEU n 
1 30 TYR n 
1 31 LEU n 
1 32 ASP n 
1 33 GLU n 
1 34 SER n 
1 35 ASN n 
1 36 ALA n 
1 37 LEU n 
1 38 GLY n 
1 39 LYS n 
1 40 LYS n 
1 41 PHE n 
1 42 ILE n 
1 43 ILE n 
1 44 GLN n 
1 45 ASP n 
1 46 ILE n 
1 47 ASP n 
1 48 ASP n 
1 49 THR n 
1 50 HIS n 
1 51 VAL n 
1 52 PHE n 
1 53 VAL n 
1 54 ILE n 
1 55 ALA n 
1 56 GLU n 
1 57 LEU n 
1 58 VAL n 
1 59 ASN n 
1 60 VAL n 
1 61 LEU n 
1 62 GLN n 
1 63 GLU n 
1 64 ARG n 
1 65 VAL n 
1 66 GLY n 
1 67 GLU n 
1 68 LEU n 
1 69 MSE n 
1 70 ASP n 
1 71 GLN n 
1 72 ASN n 
1 73 ALA n 
1 74 PHE n 
1 75 SER n 
1 76 LEU n 
1 77 THR n 
1 78 GLN n 
1 79 LYS n 
# 
_entity_src_gen.entity_id                          1 
_entity_src_gen.pdbx_src_id                        1 
_entity_src_gen.pdbx_alt_source_flag               sample 
_entity_src_gen.pdbx_seq_type                      ? 
_entity_src_gen.pdbx_beg_seq_num                   ? 
_entity_src_gen.pdbx_end_seq_num                   ? 
_entity_src_gen.gene_src_common_name               human 
_entity_src_gen.gene_src_genus                     Homo 
_entity_src_gen.pdbx_gene_src_gene                 C6orf175 
_entity_src_gen.gene_src_species                   ? 
_entity_src_gen.gene_src_strain                    ? 
_entity_src_gen.gene_src_tissue                    ? 
_entity_src_gen.gene_src_tissue_fraction           ? 
_entity_src_gen.gene_src_details                   ? 
_entity_src_gen.pdbx_gene_src_fragment             ? 
_entity_src_gen.pdbx_gene_src_scientific_name      'Homo sapiens' 
_entity_src_gen.pdbx_gene_src_ncbi_taxonomy_id     9606 
_entity_src_gen.pdbx_gene_src_variant              ? 
_entity_src_gen.pdbx_gene_src_cell_line            ? 
_entity_src_gen.pdbx_gene_src_atcc                 ? 
_entity_src_gen.pdbx_gene_src_organ                ? 
_entity_src_gen.pdbx_gene_src_organelle            ? 
_entity_src_gen.pdbx_gene_src_cell                 ? 
_entity_src_gen.pdbx_gene_src_cellular_location    ? 
_entity_src_gen.host_org_common_name               ? 
_entity_src_gen.pdbx_host_org_scientific_name      'Escherichia coli' 
_entity_src_gen.pdbx_host_org_ncbi_taxonomy_id     562 
_entity_src_gen.host_org_genus                     Escherichia 
_entity_src_gen.pdbx_host_org_gene                 ? 
_entity_src_gen.pdbx_host_org_organ                ? 
_entity_src_gen.host_org_species                   ? 
_entity_src_gen.pdbx_host_org_tissue               ? 
_entity_src_gen.pdbx_host_org_tissue_fraction      ? 
_entity_src_gen.pdbx_host_org_strain               'BL21(DE3)+Magic' 
_entity_src_gen.pdbx_host_org_variant              ? 
_entity_src_gen.pdbx_host_org_cell_line            ? 
_entity_src_gen.pdbx_host_org_atcc                 ? 
_entity_src_gen.pdbx_host_org_culture_collection   ? 
_entity_src_gen.pdbx_host_org_cell                 ? 
_entity_src_gen.pdbx_host_org_organelle            ? 
_entity_src_gen.pdbx_host_org_cellular_location    ? 
_entity_src_gen.pdbx_host_org_vector_type          pET21 
_entity_src_gen.pdbx_host_org_vector               ? 
_entity_src_gen.host_org_details                   ? 
_entity_src_gen.expression_system_id               ? 
_entity_src_gen.plasmid_name                       BL21 
_entity_src_gen.plasmid_details                    ? 
_entity_src_gen.pdbx_description                   ? 
# 
loop_
_chem_comp.id 
_chem_comp.type 
_chem_comp.mon_nstd_flag 
_chem_comp.name 
_chem_comp.pdbx_synonyms 
_chem_comp.formula 
_chem_comp.formula_weight 
ALA 'L-peptide linking' y ALANINE          ? 'C3 H7 N O2'     89.093  
ARG 'L-peptide linking' y ARGININE         ? 'C6 H15 N4 O2 1' 175.209 
ASN 'L-peptide linking' y ASPARAGINE       ? 'C4 H8 N2 O3'    132.118 
ASP 'L-peptide linking' y 'ASPARTIC ACID'  ? 'C4 H7 N O4'     133.103 
CYS 'L-peptide linking' y CYSTEINE         ? 'C3 H7 N O2 S'   121.158 
GLN 'L-peptide linking' y GLUTAMINE        ? 'C5 H10 N2 O3'   146.144 
GLU 'L-peptide linking' y 'GLUTAMIC ACID'  ? 'C5 H9 N O4'     147.129 
GLY 'peptide linking'   y GLYCINE          ? 'C2 H5 N O2'     75.067  
HIS 'L-peptide linking' y HISTIDINE        ? 'C6 H10 N3 O2 1' 156.162 
HOH non-polymer         . WATER            ? 'H2 O'           18.015  
ILE 'L-peptide linking' y ISOLEUCINE       ? 'C6 H13 N O2'    131.173 
LEU 'L-peptide linking' y LEUCINE          ? 'C6 H13 N O2'    131.173 
LYS 'L-peptide linking' y LYSINE           ? 'C6 H15 N2 O2 1' 147.195 
MET 'L-peptide linking' y METHIONINE       ? 'C5 H11 N O2 S'  149.211 
MSE 'L-peptide linking' n SELENOMETHIONINE ? 'C5 H11 N O2 Se' 196.106 
PHE 'L-peptide linking' y PHENYLALANINE    ? 'C9 H11 N O2'    165.189 
PRO 'L-peptide linking' y PROLINE          ? 'C5 H9 N O2'     115.130 
SER 'L-peptide linking' y SERINE           ? 'C3 H7 N O3'     105.093 
THR 'L-peptide linking' y THREONINE        ? 'C4 H9 N O3'     119.119 
TYR 'L-peptide linking' y TYROSINE         ? 'C9 H11 N O3'    181.189 
VAL 'L-peptide linking' y VALINE           ? 'C5 H11 N O2'    117.146 
# 
loop_
_pdbx_poly_seq_scheme.asym_id 
_pdbx_poly_seq_scheme.entity_id 
_pdbx_poly_seq_scheme.seq_id 
_pdbx_poly_seq_scheme.mon_id 
_pdbx_poly_seq_scheme.ndb_seq_num 
_pdbx_poly_seq_scheme.pdb_seq_num 
_pdbx_poly_seq_scheme.auth_seq_num 
_pdbx_poly_seq_scheme.pdb_mon_id 
_pdbx_poly_seq_scheme.auth_mon_id 
_pdbx_poly_seq_scheme.pdb_strand_id 
_pdbx_poly_seq_scheme.pdb_ins_code 
_pdbx_poly_seq_scheme.hetero 
A 1 1  MET 1  -7 ?  ?   ?   A . n 
A 1 2  GLY 2  -6 ?  ?   ?   A . n 
A 1 3  HIS 3  -5 ?  ?   ?   A . n 
A 1 4  HIS 4  -4 ?  ?   ?   A . n 
A 1 5  HIS 5  -3 ?  ?   ?   A . n 
A 1 6  HIS 6  -2 ?  ?   ?   A . n 
A 1 7  HIS 7  -1 ?  ?   ?   A . n 
A 1 8  HIS 8  0  ?  ?   ?   A . n 
A 1 9  SER 9  1  1  SER SER A . n 
A 1 10 HIS 10 2  2  HIS HIS A . n 
A 1 11 GLY 11 3  3  GLY GLY A . n 
A 1 12 THR 12 4  4  THR THR A . n 
A 1 13 ARG 13 5  5  ARG ARG A . n 
A 1 14 LYS 14 6  6  LYS LYS A . n 
A 1 15 GLY 15 7  7  GLY GLY A . n 
A 1 16 MSE 16 8  8  MSE MSE A . n 
A 1 17 LEU 17 9  9  LEU LEU A . n 
A 1 18 ILE 18 10 10 ILE ILE A . n 
A 1 19 GLU 19 11 11 GLU GLU A . n 
A 1 20 CYS 20 12 12 CYS CYS A . n 
A 1 21 ASP 21 13 13 ASP ASP A . n 
A 1 22 PRO 22 14 14 PRO PRO A . n 
A 1 23 ALA 23 15 15 ALA ALA A . n 
A 1 24 MSE 24 16 16 MSE MSE A . n 
A 1 25 LYS 25 17 17 LYS LYS A . n 
A 1 26 GLN 26 18 18 GLN GLN A . n 
A 1 27 PHE 27 19 19 PHE PHE A . n 
A 1 28 LEU 28 20 20 LEU LEU A . n 
A 1 29 LEU 29 21 21 LEU LEU A . n 
A 1 30 TYR 30 22 22 TYR TYR A . n 
A 1 31 LEU 31 23 23 LEU LEU A . n 
A 1 32 ASP 32 24 24 ASP ASP A . n 
A 1 33 GLU 33 25 25 GLU GLU A . n 
A 1 34 SER 34 26 26 SER SER A . n 
A 1 35 ASN 35 27 27 ASN ASN A . n 
A 1 36 ALA 36 28 28 ALA ALA A . n 
A 1 37 LEU 37 29 29 LEU LEU A . n 
A 1 38 GLY 38 30 30 GLY GLY A . n 
A 1 39 LYS 39 31 31 LYS LYS A . n 
A 1 40 LYS 40 32 32 LYS LYS A . n 
A 1 41 PHE 41 33 33 PHE PHE A . n 
A 1 42 ILE 42 34 34 ILE ILE A . n 
A 1 43 ILE 43 35 35 ILE ILE A . n 
A 1 44 GLN 44 36 36 GLN GLN A . n 
A 1 45 ASP 45 37 37 ASP ASP A . n 
A 1 46 ILE 46 38 38 ILE ILE A . n 
A 1 47 ASP 47 39 39 ASP ASP A . n 
A 1 48 ASP 48 40 40 ASP ASP A . n 
A 1 49 THR 49 41 41 THR THR A . n 
A 1 50 HIS 50 42 42 HIS HIS A . n 
A 1 51 VAL 51 43 43 VAL VAL A . n 
A 1 52 PHE 52 44 44 PHE PHE A . n 
A 1 53 VAL 53 45 45 VAL VAL A . n 
A 1 54 ILE 54 46 46 ILE ILE A . n 
A 1 55 ALA 55 47 47 ALA ALA A . n 
A 1 56 GLU 56 48 48 GLU GLU A . n 
A 1 57 LEU 57 49 49 LEU LEU A . n 
A 1 58 VAL 58 50 50 VAL VAL A . n 
A 1 59 ASN 59 51 51 ASN ASN A . n 
A 1 60 VAL 60 52 52 VAL VAL A . n 
A 1 61 LEU 61 53 53 LEU LEU A . n 
A 1 62 GLN 62 54 54 GLN GLN A . n 
A 1 63 GLU 63 55 55 GLU GLU A . n 
A 1 64 ARG 64 56 56 ARG ARG A . n 
A 1 65 VAL 65 57 57 VAL VAL A . n 
A 1 66 GLY 66 58 58 GLY GLY A . n 
A 1 67 GLU 67 59 59 GLU GLU A . n 
A 1 68 LEU 68 60 60 LEU LEU A . n 
A 1 69 MSE 69 61 61 MSE MSE A . n 
A 1 70 ASP 70 62 62 ASP ASP A . n 
A 1 71 GLN 71 63 63 GLN GLN A . n 
A 1 72 ASN 72 64 64 ASN ASN A . n 
A 1 73 ALA 73 65 65 ALA ALA A . n 
A 1 74 PHE 74 66 66 PHE PHE A . n 
A 1 75 SER 75 67 67 SER SER A . n 
A 1 76 LEU 76 68 68 LEU LEU A . n 
A 1 77 THR 77 69 69 THR THR A . n 
A 1 78 GLN 78 70 70 GLN GLN A . n 
A 1 79 LYS 79 71 71 LYS LYS A . n 
# 
loop_
_pdbx_nonpoly_scheme.asym_id 
_pdbx_nonpoly_scheme.entity_id 
_pdbx_nonpoly_scheme.mon_id 
_pdbx_nonpoly_scheme.ndb_seq_num 
_pdbx_nonpoly_scheme.pdb_seq_num 
_pdbx_nonpoly_scheme.auth_seq_num 
_pdbx_nonpoly_scheme.pdb_mon_id 
_pdbx_nonpoly_scheme.auth_mon_id 
_pdbx_nonpoly_scheme.pdb_strand_id 
_pdbx_nonpoly_scheme.pdb_ins_code 
B 2 HOH 1  72  1  HOH HOH A . 
B 2 HOH 2  73  2  HOH HOH A . 
B 2 HOH 3  74  3  HOH HOH A . 
B 2 HOH 4  75  4  HOH HOH A . 
B 2 HOH 5  76  5  HOH HOH A . 
B 2 HOH 6  77  6  HOH HOH A . 
B 2 HOH 7  78  7  HOH HOH A . 
B 2 HOH 8  79  8  HOH HOH A . 
B 2 HOH 9  80  9  HOH HOH A . 
B 2 HOH 10 81  10 HOH HOH A . 
B 2 HOH 11 82  11 HOH HOH A . 
B 2 HOH 12 83  12 HOH HOH A . 
B 2 HOH 13 84  13 HOH HOH A . 
B 2 HOH 14 85  14 HOH HOH A . 
B 2 HOH 15 86  15 HOH HOH A . 
B 2 HOH 16 87  16 HOH HOH A . 
B 2 HOH 17 88  17 HOH HOH A . 
B 2 HOH 18 89  18 HOH HOH A . 
B 2 HOH 19 90  19 HOH HOH A . 
B 2 HOH 20 91  20 HOH HOH A . 
B 2 HOH 21 92  21 HOH HOH A . 
B 2 HOH 22 93  22 HOH HOH A . 
B 2 HOH 23 94  23 HOH HOH A . 
B 2 HOH 24 95  24 HOH HOH A . 
B 2 HOH 25 96  25 HOH HOH A . 
B 2 HOH 26 97  26 HOH HOH A . 
B 2 HOH 27 98  27 HOH HOH A . 
B 2 HOH 28 99  28 HOH HOH A . 
B 2 HOH 29 100 29 HOH HOH A . 
B 2 HOH 30 101 30 HOH HOH A . 
B 2 HOH 31 102 31 HOH HOH A . 
B 2 HOH 32 103 32 HOH HOH A . 
B 2 HOH 33 104 33 HOH HOH A . 
B 2 HOH 34 105 34 HOH HOH A . 
B 2 HOH 35 106 35 HOH HOH A . 
# 
loop_
_software.name 
_software.classification 
_software.version 
_software.citation_id 
_software.pdbx_ordinal 
CNS       refinement       1.1 ? 1 
DENZO     'data reduction' .   ? 2 
SCALEPACK 'data scaling'   .   ? 3 
SnB       phasing          .   ? 4 
SOLVE     phasing          .   ? 5 
RESOLVE   phasing          .   ? 6 
# 
_cell.entry_id           1YDL 
_cell.length_a           41.412 
_cell.length_b           53.922 
_cell.length_c           34.818 
_cell.angle_alpha        90.00 
_cell.angle_beta         90.00 
_cell.angle_gamma        90.00 
_cell.Z_PDB              4 
_cell.pdbx_unique_axis   ? 
# 
_symmetry.entry_id                         1YDL 
_symmetry.space_group_name_H-M             'P 21 21 2' 
_symmetry.pdbx_full_space_group_name_H-M   ? 
_symmetry.cell_setting                     ? 
_symmetry.Int_Tables_number                18 
_symmetry.space_group_name_Hall            ? 
# 
_exptl.entry_id          1YDL 
_exptl.method            'X-RAY DIFFRACTION' 
_exptl.crystals_number   1 
# 
_exptl_crystal.id                    1 
_exptl_crystal.density_meas          ? 
_exptl_crystal.density_Matthews      2.2 
_exptl_crystal.density_percent_sol   50 
_exptl_crystal.description           ? 
_exptl_crystal.F_000                 ? 
_exptl_crystal.preparation           ? 
# 
_exptl_crystal_grow.crystal_id      1 
_exptl_crystal_grow.method          'VAPOR DIFFUSION, HANGING DROP' 
_exptl_crystal_grow.temp            293 
_exptl_crystal_grow.temp_details    ? 
_exptl_crystal_grow.pH              7.5 
_exptl_crystal_grow.pdbx_details    
'22% PEG 3350, 100 mM MgCl2, and 10 mM DTT, pH 7.5, VAPOR DIFFUSION, HANGING DROP, temperature 293K' 
_exptl_crystal_grow.pdbx_pH_range   . 
# 
_diffrn.id                     1 
_diffrn.ambient_temp           100 
_diffrn.ambient_temp_details   ? 
_diffrn.crystal_id             1 
# 
_diffrn_detector.diffrn_id              1 
_diffrn_detector.detector               CCD 
_diffrn_detector.type                   'ADSC QUANTUM 4' 
_diffrn_detector.pdbx_collection_date   2004-11-07 
_diffrn_detector.details                mirrors 
# 
_diffrn_radiation.diffrn_id                        1 
_diffrn_radiation.wavelength_id                    1 
_diffrn_radiation.pdbx_monochromatic_or_laue_m_l   M 
_diffrn_radiation.monochromator                    'Si 111 CHANNEL' 
_diffrn_radiation.pdbx_diffrn_protocol             'SINGLE WAVELENGTH' 
_diffrn_radiation.pdbx_scattering_type             x-ray 
# 
_diffrn_radiation_wavelength.id           1 
_diffrn_radiation_wavelength.wavelength   0.979 
_diffrn_radiation_wavelength.wt           1.0 
# 
_diffrn_source.diffrn_id                   1 
_diffrn_source.source                      SYNCHROTRON 
_diffrn_source.type                        'NSLS BEAMLINE X4A' 
_diffrn_source.pdbx_synchrotron_site       NSLS 
_diffrn_source.pdbx_synchrotron_beamline   X4A 
_diffrn_source.pdbx_wavelength             ? 
_diffrn_source.pdbx_wavelength_list        0.979 
# 
_reflns.entry_id                     1YDL 
_reflns.observed_criterion_sigma_I   2.0 
_reflns.observed_criterion_sigma_F   2.0 
_reflns.d_resolution_low             29.25 
_reflns.d_resolution_high            2.3 
_reflns.number_obs                   6602 
_reflns.number_all                   ? 
_reflns.percent_possible_obs         97.8 
_reflns.pdbx_Rmerge_I_obs            0.09 
_reflns.pdbx_Rsym_value              0.083 
_reflns.pdbx_netI_over_sigmaI        22.23 
_reflns.B_iso_Wilson_estimate        19.6 
_reflns.pdbx_redundancy              7.4 
_reflns.R_free_details               ? 
_reflns.limit_h_max                  ? 
_reflns.limit_h_min                  ? 
_reflns.limit_k_max                  ? 
_reflns.limit_k_min                  ? 
_reflns.limit_l_max                  ? 
_reflns.limit_l_min                  ? 
_reflns.observed_criterion_F_max     ? 
_reflns.observed_criterion_F_min     ? 
_reflns.pdbx_chi_squared             ? 
_reflns.pdbx_scaling_rejects         ? 
_reflns.pdbx_diffrn_id               1 
_reflns.pdbx_ordinal                 1 
# 
_reflns_shell.d_res_high             2.3 
_reflns_shell.d_res_low              2.38 
_reflns_shell.percent_possible_all   93.5 
_reflns_shell.Rmerge_I_obs           0.302 
_reflns_shell.pdbx_Rsym_value        0.316 
_reflns_shell.meanI_over_sigI_obs    5.1 
_reflns_shell.pdbx_redundancy        5.3 
_reflns_shell.percent_possible_obs   ? 
_reflns_shell.number_unique_all      633 
_reflns_shell.number_measured_all    ? 
_reflns_shell.number_measured_obs    ? 
_reflns_shell.number_unique_obs      ? 
_reflns_shell.pdbx_chi_squared       ? 
_reflns_shell.pdbx_diffrn_id         ? 
_reflns_shell.pdbx_ordinal           1 
# 
_refine.entry_id                                 1YDL 
_refine.ls_number_reflns_obs                     5916 
_refine.ls_number_reflns_all                     6601 
_refine.pdbx_ls_sigma_I                          2.0 
_refine.pdbx_ls_sigma_F                          2.0 
_refine.pdbx_data_cutoff_high_absF               444155.03 
_refine.pdbx_data_cutoff_low_absF                0.000000 
_refine.pdbx_data_cutoff_high_rms_absF           ? 
_refine.ls_d_res_low                             29.25 
_refine.ls_d_res_high                            2.30 
_refine.ls_percent_reflns_obs                    88.4 
_refine.ls_R_factor_obs                          0.236 
_refine.ls_R_factor_all                          0.239 
_refine.ls_R_factor_R_work                       0.236 
_refine.ls_R_factor_R_free                       0.297 
_refine.ls_R_factor_R_free_error                 0.012 
_refine.ls_R_factor_R_free_error_details         ? 
_refine.ls_percent_reflns_R_free                 10.7 
_refine.ls_number_reflns_R_free                  634 
_refine.ls_number_parameters                     ? 
_refine.ls_number_restraints                     ? 
_refine.occupancy_min                            ? 
_refine.occupancy_max                            ? 
_refine.correlation_coeff_Fo_to_Fc               ? 
_refine.correlation_coeff_Fo_to_Fc_free          ? 
_refine.B_iso_mean                               35.9 
_refine.aniso_B[1][1]                            -12.97 
_refine.aniso_B[2][2]                            -7.05 
_refine.aniso_B[3][3]                            20.02 
_refine.aniso_B[1][2]                            0.00 
_refine.aniso_B[1][3]                            0.00 
_refine.aniso_B[2][3]                            0.00 
_refine.solvent_model_details                    'FLAT MODEL' 
_refine.solvent_model_param_ksol                 0.35852 
_refine.solvent_model_param_bsol                 51.8039 
_refine.pdbx_solvent_vdw_probe_radii             ? 
_refine.pdbx_solvent_ion_probe_radii             ? 
_refine.pdbx_solvent_shrinkage_radii             ? 
_refine.pdbx_ls_cross_valid_method               THROUGHOUT 
_refine.details                                  ? 
_refine.pdbx_starting_model                      ? 
_refine.pdbx_method_to_determine_struct          SAD 
_refine.pdbx_isotropic_thermal_model             OVERALL 
_refine.pdbx_stereochemistry_target_values       'Engh & Huber' 
_refine.pdbx_stereochem_target_val_spec_case     ? 
_refine.pdbx_R_Free_selection_details            RANDOM 
_refine.pdbx_overall_ESU_R                       ? 
_refine.pdbx_overall_ESU_R_Free                  ? 
_refine.overall_SU_ML                            ? 
_refine.overall_SU_B                             ? 
_refine.ls_redundancy_reflns_obs                 ? 
_refine.B_iso_min                                ? 
_refine.B_iso_max                                ? 
_refine.overall_SU_R_Cruickshank_DPI             ? 
_refine.overall_SU_R_free                        ? 
_refine.ls_wR_factor_R_free                      ? 
_refine.ls_wR_factor_R_work                      ? 
_refine.overall_FOM_free_R_set                   ? 
_refine.overall_FOM_work_R_set                   ? 
_refine.pdbx_refine_id                           'X-RAY DIFFRACTION' 
_refine.pdbx_diffrn_id                           1 
_refine.pdbx_TLS_residual_ADP_flag               ? 
_refine.pdbx_overall_phase_error                 ? 
_refine.pdbx_overall_SU_R_free_Cruickshank_DPI   ? 
_refine.pdbx_overall_SU_R_Blow_DPI               ? 
_refine.pdbx_overall_SU_R_free_Blow_DPI          ? 
# 
_refine_analyze.entry_id                        1YDL 
_refine_analyze.Luzzati_coordinate_error_obs    0.28 
_refine_analyze.Luzzati_sigma_a_obs             0.11 
_refine_analyze.Luzzati_d_res_low_obs           5.00 
_refine_analyze.Luzzati_coordinate_error_free   0.39 
_refine_analyze.Luzzati_sigma_a_free            0.16 
_refine_analyze.Luzzati_d_res_low_free          ? 
_refine_analyze.number_disordered_residues      ? 
_refine_analyze.occupancy_sum_hydrogen          ? 
_refine_analyze.occupancy_sum_non_hydrogen      ? 
_refine_analyze.pdbx_Luzzati_d_res_high_obs     ? 
_refine_analyze.pdbx_refine_id                  'X-RAY DIFFRACTION' 
# 
_refine_hist.pdbx_refine_id                   'X-RAY DIFFRACTION' 
_refine_hist.cycle_id                         LAST 
_refine_hist.pdbx_number_atoms_protein        565 
_refine_hist.pdbx_number_atoms_nucleic_acid   0 
_refine_hist.pdbx_number_atoms_ligand         0 
_refine_hist.number_atoms_solvent             35 
_refine_hist.number_atoms_total               600 
_refine_hist.d_res_high                       2.30 
_refine_hist.d_res_low                        29.25 
# 
loop_
_refine_ls_restr.type 
_refine_ls_restr.dev_ideal 
_refine_ls_restr.dev_ideal_target 
_refine_ls_restr.weight 
_refine_ls_restr.number 
_refine_ls_restr.pdbx_refine_id 
_refine_ls_restr.pdbx_restraint_function 
c_bond_d           0.006 ? ? ? 'X-RAY DIFFRACTION' ? 
c_angle_deg        1.0   ? ? ? 'X-RAY DIFFRACTION' ? 
c_dihedral_angle_d 21.9  ? ? ? 'X-RAY DIFFRACTION' ? 
c_improper_angle_d 0.60  ? ? ? 'X-RAY DIFFRACTION' ? 
# 
_refine_ls_shell.pdbx_total_number_of_bins_used   6 
_refine_ls_shell.d_res_high                       2.30 
_refine_ls_shell.d_res_low                        2.44 
_refine_ls_shell.number_reflns_R_work             715 
_refine_ls_shell.R_factor_R_work                  0.211 
_refine_ls_shell.percent_reflns_obs               70.5 
_refine_ls_shell.R_factor_R_free                  0.282 
_refine_ls_shell.R_factor_R_free_error            0.034 
_refine_ls_shell.percent_reflns_R_free            8.9 
_refine_ls_shell.number_reflns_R_free             70 
_refine_ls_shell.number_reflns_obs                634 
_refine_ls_shell.redundancy_reflns_obs            ? 
_refine_ls_shell.number_reflns_all                ? 
_refine_ls_shell.pdbx_refine_id                   'X-RAY DIFFRACTION' 
_refine_ls_shell.R_factor_all                     ? 
# 
_struct.entry_id                  1YDL 
_struct.title                     'Crystal Structure of the Human TFIIH, Northeast Structural Genomics Target HR2045.' 
_struct.pdbx_model_details        ? 
_struct.pdbx_CASP_flag            ? 
_struct.pdbx_model_type_details   ? 
# 
_struct_keywords.entry_id        1YDL 
_struct_keywords.pdbx_keywords   TRANSCRIPTION 
_struct_keywords.text            
;alpha-beta protein, Structural Genomics, PSI, Protein Structure Initiative, Northeast Structural Genomics Consortium, NESG, TRANSCRIPTION
;
# 
loop_
_struct_asym.id 
_struct_asym.pdbx_blank_PDB_chainid_flag 
_struct_asym.pdbx_modified 
_struct_asym.entity_id 
_struct_asym.details 
A N N 1 ? 
B N N 2 ? 
# 
_struct_ref.id                         1 
_struct_ref.db_name                    UNP 
_struct_ref.db_code                    TF2H5_HUMAN 
_struct_ref.pdbx_db_accession          Q6ZYL4 
_struct_ref.entity_id                  1 
_struct_ref.pdbx_seq_one_letter_code   MVNVLKGVLIECDPAMKQFLLYLDESNALGKKFIIQDIDDTHVFVIAELVNVLQERVGELMDQNAFSLTQK 
_struct_ref.pdbx_align_begin           1 
_struct_ref.pdbx_db_isoform            ? 
# 
_struct_ref_seq.align_id                      1 
_struct_ref_seq.ref_id                        1 
_struct_ref_seq.pdbx_PDB_id_code              1YDL 
_struct_ref_seq.pdbx_strand_id                A 
_struct_ref_seq.seq_align_beg                 1 
_struct_ref_seq.pdbx_seq_align_beg_ins_code   ? 
_struct_ref_seq.seq_align_end                 79 
_struct_ref_seq.pdbx_seq_align_end_ins_code   ? 
_struct_ref_seq.pdbx_db_accession             Q6ZYL4 
_struct_ref_seq.db_align_beg                  1 
_struct_ref_seq.pdbx_db_align_beg_ins_code    ? 
_struct_ref_seq.db_align_end                  71 
_struct_ref_seq.pdbx_db_align_end_ins_code    ? 
_struct_ref_seq.pdbx_auth_seq_align_beg       -7 
_struct_ref_seq.pdbx_auth_seq_align_end       71 
# 
loop_
_struct_ref_seq_dif.align_id 
_struct_ref_seq_dif.pdbx_pdb_id_code 
_struct_ref_seq_dif.mon_id 
_struct_ref_seq_dif.pdbx_pdb_strand_id 
_struct_ref_seq_dif.seq_num 
_struct_ref_seq_dif.pdbx_pdb_ins_code 
_struct_ref_seq_dif.pdbx_seq_db_name 
_struct_ref_seq_dif.pdbx_seq_db_accession_code 
_struct_ref_seq_dif.db_mon_id 
_struct_ref_seq_dif.pdbx_seq_db_seq_num 
_struct_ref_seq_dif.details 
_struct_ref_seq_dif.pdbx_auth_seq_num 
_struct_ref_seq_dif.pdbx_ordinal 
1 1YDL GLY A 2  ? UNP Q6ZYL4 ?   ?  'cloning artifact'    -6 1  
1 1YDL HIS A 3  ? UNP Q6ZYL4 ?   ?  'cloning artifact'    -5 2  
1 1YDL HIS A 4  ? UNP Q6ZYL4 ?   ?  'expression tag'      -4 3  
1 1YDL HIS A 5  ? UNP Q6ZYL4 ?   ?  'expression tag'      -3 4  
1 1YDL HIS A 6  ? UNP Q6ZYL4 ?   ?  'expression tag'      -2 5  
1 1YDL HIS A 7  ? UNP Q6ZYL4 ?   ?  'expression tag'      -1 6  
1 1YDL HIS A 8  ? UNP Q6ZYL4 ?   ?  'expression tag'      0  7  
1 1YDL SER A 9  ? UNP Q6ZYL4 MET ?  'SEE REMARK 999'      1  8  
1 1YDL HIS A 10 ? UNP Q6ZYL4 VAL 2  'SEE REMARK 999'      2  9  
1 1YDL GLY A 11 ? UNP Q6ZYL4 ASN 3  'SEE REMARK 999'      3  10 
1 1YDL THR A 12 ? UNP Q6ZYL4 VAL 4  'SEE REMARK 999'      4  11 
1 1YDL ARG A 13 ? UNP Q6ZYL4 LEU 5  'SEE REMARK 999'      5  12 
1 1YDL MSE A 16 ? UNP Q6ZYL4 VAL 8  'engineered mutation' 8  13 
1 1YDL MSE A 24 ? UNP Q6ZYL4 MET 16 'modified residue'    16 14 
1 1YDL MSE A 69 ? UNP Q6ZYL4 MET 61 'modified residue'    61 15 
# 
_pdbx_struct_assembly.id                   1 
_pdbx_struct_assembly.details              author_defined_assembly 
_pdbx_struct_assembly.method_details       ? 
_pdbx_struct_assembly.oligomeric_details   monomeric 
_pdbx_struct_assembly.oligomeric_count     1 
# 
_pdbx_struct_assembly_gen.assembly_id       1 
_pdbx_struct_assembly_gen.oper_expression   1 
_pdbx_struct_assembly_gen.asym_id_list      A,B 
# 
_pdbx_struct_oper_list.id                   1 
_pdbx_struct_oper_list.type                 'identity operation' 
_pdbx_struct_oper_list.name                 1_555 
_pdbx_struct_oper_list.symmetry_operation   x,y,z 
_pdbx_struct_oper_list.matrix[1][1]         1.0000000000 
_pdbx_struct_oper_list.matrix[1][2]         0.0000000000 
_pdbx_struct_oper_list.matrix[1][3]         0.0000000000 
_pdbx_struct_oper_list.vector[1]            0.0000000000 
_pdbx_struct_oper_list.matrix[2][1]         0.0000000000 
_pdbx_struct_oper_list.matrix[2][2]         1.0000000000 
_pdbx_struct_oper_list.matrix[2][3]         0.0000000000 
_pdbx_struct_oper_list.vector[2]            0.0000000000 
_pdbx_struct_oper_list.matrix[3][1]         0.0000000000 
_pdbx_struct_oper_list.matrix[3][2]         0.0000000000 
_pdbx_struct_oper_list.matrix[3][3]         1.0000000000 
_pdbx_struct_oper_list.vector[3]            0.0000000000 
# 
_struct_biol.id                    1 
_struct_biol.details               'possibly dimer' 
_struct_biol.pdbx_parent_biol_id   ? 
# 
loop_
_struct_conf.conf_type_id 
_struct_conf.id 
_struct_conf.pdbx_PDB_helix_id 
_struct_conf.beg_label_comp_id 
_struct_conf.beg_label_asym_id 
_struct_conf.beg_label_seq_id 
_struct_conf.pdbx_beg_PDB_ins_code 
_struct_conf.end_label_comp_id 
_struct_conf.end_label_asym_id 
_struct_conf.end_label_seq_id 
_struct_conf.pdbx_end_PDB_ins_code 
_struct_conf.beg_auth_comp_id 
_struct_conf.beg_auth_asym_id 
_struct_conf.beg_auth_seq_id 
_struct_conf.end_auth_comp_id 
_struct_conf.end_auth_asym_id 
_struct_conf.end_auth_seq_id 
_struct_conf.pdbx_PDB_helix_class 
_struct_conf.details 
_struct_conf.pdbx_PDB_helix_length 
HELX_P HELX_P1 1 ASP A 21 ? SER A 34 ? ASP A 13 SER A 26 1 ? 14 
HELX_P HELX_P2 2 GLU A 56 ? LEU A 68 ? GLU A 48 LEU A 60 1 ? 13 
# 
_struct_conf_type.id          HELX_P 
_struct_conf_type.criteria    ? 
_struct_conf_type.reference   ? 
# 
loop_
_struct_conn.id 
_struct_conn.conn_type_id 
_struct_conn.pdbx_leaving_atom_flag 
_struct_conn.pdbx_PDB_id 
_struct_conn.ptnr1_label_asym_id 
_struct_conn.ptnr1_label_comp_id 
_struct_conn.ptnr1_label_seq_id 
_struct_conn.ptnr1_label_atom_id 
_struct_conn.pdbx_ptnr1_label_alt_id 
_struct_conn.pdbx_ptnr1_PDB_ins_code 
_struct_conn.pdbx_ptnr1_standard_comp_id 
_struct_conn.ptnr1_symmetry 
_struct_conn.ptnr2_label_asym_id 
_struct_conn.ptnr2_label_comp_id 
_struct_conn.ptnr2_label_seq_id 
_struct_conn.ptnr2_label_atom_id 
_struct_conn.pdbx_ptnr2_label_alt_id 
_struct_conn.pdbx_ptnr2_PDB_ins_code 
_struct_conn.ptnr1_auth_asym_id 
_struct_conn.ptnr1_auth_comp_id 
_struct_conn.ptnr1_auth_seq_id 
_struct_conn.ptnr2_auth_asym_id 
_struct_conn.ptnr2_auth_comp_id 
_struct_conn.ptnr2_auth_seq_id 
_struct_conn.ptnr2_symmetry 
_struct_conn.pdbx_ptnr3_label_atom_id 
_struct_conn.pdbx_ptnr3_label_seq_id 
_struct_conn.pdbx_ptnr3_label_comp_id 
_struct_conn.pdbx_ptnr3_label_asym_id 
_struct_conn.pdbx_ptnr3_label_alt_id 
_struct_conn.pdbx_ptnr3_PDB_ins_code 
_struct_conn.details 
_struct_conn.pdbx_dist_value 
_struct_conn.pdbx_value_order 
_struct_conn.pdbx_role 
covale1 covale both ? A GLY 15 C ? ? ? 1_555 A MSE 16 N ? ? A GLY 7  A MSE 8  1_555 ? ? ? ? ? ? ? 1.322 ? ? 
covale2 covale both ? A MSE 16 C ? ? ? 1_555 A LEU 17 N ? ? A MSE 8  A LEU 9  1_555 ? ? ? ? ? ? ? 1.325 ? ? 
covale3 covale both ? A ALA 23 C ? ? ? 1_555 A MSE 24 N ? ? A ALA 15 A MSE 16 1_555 ? ? ? ? ? ? ? 1.326 ? ? 
covale4 covale both ? A MSE 24 C ? ? ? 1_555 A LYS 25 N ? ? A MSE 16 A LYS 17 1_555 ? ? ? ? ? ? ? 1.330 ? ? 
covale5 covale both ? A LEU 68 C ? ? ? 1_555 A MSE 69 N ? ? A LEU 60 A MSE 61 1_555 ? ? ? ? ? ? ? 1.326 ? ? 
covale6 covale both ? A MSE 69 C ? ? ? 1_555 A ASP 70 N ? ? A MSE 61 A ASP 62 1_555 ? ? ? ? ? ? ? 1.330 ? ? 
# 
_struct_conn_type.id          covale 
_struct_conn_type.criteria    ? 
_struct_conn_type.reference   ? 
# 
loop_
_pdbx_modification_feature.ordinal 
_pdbx_modification_feature.label_comp_id 
_pdbx_modification_feature.label_asym_id 
_pdbx_modification_feature.label_seq_id 
_pdbx_modification_feature.label_alt_id 
_pdbx_modification_feature.modified_residue_label_comp_id 
_pdbx_modification_feature.modified_residue_label_asym_id 
_pdbx_modification_feature.modified_residue_label_seq_id 
_pdbx_modification_feature.modified_residue_label_alt_id 
_pdbx_modification_feature.auth_comp_id 
_pdbx_modification_feature.auth_asym_id 
_pdbx_modification_feature.auth_seq_id 
_pdbx_modification_feature.PDB_ins_code 
_pdbx_modification_feature.symmetry 
_pdbx_modification_feature.modified_residue_auth_comp_id 
_pdbx_modification_feature.modified_residue_auth_asym_id 
_pdbx_modification_feature.modified_residue_auth_seq_id 
_pdbx_modification_feature.modified_residue_PDB_ins_code 
_pdbx_modification_feature.modified_residue_symmetry 
_pdbx_modification_feature.comp_id_linking_atom 
_pdbx_modification_feature.modified_residue_id_linking_atom 
_pdbx_modification_feature.modified_residue_id 
_pdbx_modification_feature.ref_pcm_id 
_pdbx_modification_feature.ref_comp_id 
_pdbx_modification_feature.type 
_pdbx_modification_feature.category 
1 MSE A 16 ? . . . . MSE A 8  ? 1_555 . . . . . . . MET 1 MSE Selenomethionine 'Named protein modification' 
2 MSE A 24 ? . . . . MSE A 16 ? 1_555 . . . . . . . MET 1 MSE Selenomethionine 'Named protein modification' 
3 MSE A 69 ? . . . . MSE A 61 ? 1_555 . . . . . . . MET 1 MSE Selenomethionine 'Named protein modification' 
# 
_struct_sheet.id               A 
_struct_sheet.type             ? 
_struct_sheet.number_strands   3 
_struct_sheet.details          ? 
# 
loop_
_struct_sheet_order.sheet_id 
_struct_sheet_order.range_id_1 
_struct_sheet_order.range_id_2 
_struct_sheet_order.offset 
_struct_sheet_order.sense 
A 1 2 ? anti-parallel 
A 2 3 ? anti-parallel 
# 
loop_
_struct_sheet_range.sheet_id 
_struct_sheet_range.id 
_struct_sheet_range.beg_label_comp_id 
_struct_sheet_range.beg_label_asym_id 
_struct_sheet_range.beg_label_seq_id 
_struct_sheet_range.pdbx_beg_PDB_ins_code 
_struct_sheet_range.end_label_comp_id 
_struct_sheet_range.end_label_asym_id 
_struct_sheet_range.end_label_seq_id 
_struct_sheet_range.pdbx_end_PDB_ins_code 
_struct_sheet_range.beg_auth_comp_id 
_struct_sheet_range.beg_auth_asym_id 
_struct_sheet_range.beg_auth_seq_id 
_struct_sheet_range.end_auth_comp_id 
_struct_sheet_range.end_auth_asym_id 
_struct_sheet_range.end_auth_seq_id 
A 1 MSE A 16 ? GLU A 19 ? MSE A 8  GLU A 11 
A 2 HIS A 50 ? VAL A 53 ? HIS A 42 VAL A 45 
A 3 ILE A 42 ? ASP A 45 ? ILE A 34 ASP A 37 
# 
loop_
_pdbx_struct_sheet_hbond.sheet_id 
_pdbx_struct_sheet_hbond.range_id_1 
_pdbx_struct_sheet_hbond.range_id_2 
_pdbx_struct_sheet_hbond.range_1_label_atom_id 
_pdbx_struct_sheet_hbond.range_1_label_comp_id 
_pdbx_struct_sheet_hbond.range_1_label_asym_id 
_pdbx_struct_sheet_hbond.range_1_label_seq_id 
_pdbx_struct_sheet_hbond.range_1_PDB_ins_code 
_pdbx_struct_sheet_hbond.range_1_auth_atom_id 
_pdbx_struct_sheet_hbond.range_1_auth_comp_id 
_pdbx_struct_sheet_hbond.range_1_auth_asym_id 
_pdbx_struct_sheet_hbond.range_1_auth_seq_id 
_pdbx_struct_sheet_hbond.range_2_label_atom_id 
_pdbx_struct_sheet_hbond.range_2_label_comp_id 
_pdbx_struct_sheet_hbond.range_2_label_asym_id 
_pdbx_struct_sheet_hbond.range_2_label_seq_id 
_pdbx_struct_sheet_hbond.range_2_PDB_ins_code 
_pdbx_struct_sheet_hbond.range_2_auth_atom_id 
_pdbx_struct_sheet_hbond.range_2_auth_comp_id 
_pdbx_struct_sheet_hbond.range_2_auth_asym_id 
_pdbx_struct_sheet_hbond.range_2_auth_seq_id 
A 1 2 N MSE A 16 ? N MSE A 8  O VAL A 53 ? O VAL A 45 
A 2 3 O PHE A 52 ? O PHE A 44 N GLN A 44 ? N GLN A 36 
# 
_pdbx_entry_details.entry_id                   1YDL 
_pdbx_entry_details.compound_details           ? 
_pdbx_entry_details.source_details             ? 
_pdbx_entry_details.nonpolymer_details         ? 
_pdbx_entry_details.sequence_details           ? 
_pdbx_entry_details.has_ligand_of_interest     ? 
_pdbx_entry_details.has_protein_modification   Y 
# 
loop_
_pdbx_validate_torsion.id 
_pdbx_validate_torsion.PDB_model_num 
_pdbx_validate_torsion.auth_comp_id 
_pdbx_validate_torsion.auth_asym_id 
_pdbx_validate_torsion.auth_seq_id 
_pdbx_validate_torsion.PDB_ins_code 
_pdbx_validate_torsion.label_alt_id 
_pdbx_validate_torsion.phi 
_pdbx_validate_torsion.psi 
1 1 HIS A 2  ? ? -106.35 -60.50 
2 1 ILE A 38 ? ? -128.77 -78.66 
3 1 GLU A 48 ? ? -93.04  39.63  
# 
_pdbx_SG_project.id                    1 
_pdbx_SG_project.project_name          'PSI, Protein Structure Initiative' 
_pdbx_SG_project.full_name_of_center   'Northeast Structural Genomics Consortium' 
_pdbx_SG_project.initial_of_center     NESG 
# 
loop_
_pdbx_struct_mod_residue.id 
_pdbx_struct_mod_residue.label_asym_id 
_pdbx_struct_mod_residue.label_comp_id 
_pdbx_struct_mod_residue.label_seq_id 
_pdbx_struct_mod_residue.auth_asym_id 
_pdbx_struct_mod_residue.auth_comp_id 
_pdbx_struct_mod_residue.auth_seq_id 
_pdbx_struct_mod_residue.PDB_ins_code 
_pdbx_struct_mod_residue.parent_comp_id 
_pdbx_struct_mod_residue.details 
1 A MSE 16 A MSE 8  ? MET SELENOMETHIONINE 
2 A MSE 24 A MSE 16 ? MET SELENOMETHIONINE 
3 A MSE 69 A MSE 61 ? MET SELENOMETHIONINE 
# 
_pdbx_database_remark.id     999 
_pdbx_database_remark.text   
;
SEQUENCE
THE FIRST FIVE N-TERMINAL RESIDUES OF THE NATIVE PROTEIN,
1-MVNVL-5, WERE SUBSTITUTED BY GTR AND AN N-TAG
(MGHHHHHHSH).
;
# 
loop_
_pdbx_unobs_or_zero_occ_residues.id 
_pdbx_unobs_or_zero_occ_residues.PDB_model_num 
_pdbx_unobs_or_zero_occ_residues.polymer_flag 
_pdbx_unobs_or_zero_occ_residues.occupancy_flag 
_pdbx_unobs_or_zero_occ_residues.auth_asym_id 
_pdbx_unobs_or_zero_occ_residues.auth_comp_id 
_pdbx_unobs_or_zero_occ_residues.auth_seq_id 
_pdbx_unobs_or_zero_occ_residues.PDB_ins_code 
_pdbx_unobs_or_zero_occ_residues.label_asym_id 
_pdbx_unobs_or_zero_occ_residues.label_comp_id 
_pdbx_unobs_or_zero_occ_residues.label_seq_id 
1 1 Y 1 A MET -7 ? A MET 1 
2 1 Y 1 A GLY -6 ? A GLY 2 
3 1 Y 1 A HIS -5 ? A HIS 3 
4 1 Y 1 A HIS -4 ? A HIS 4 
5 1 Y 1 A HIS -3 ? A HIS 5 
6 1 Y 1 A HIS -2 ? A HIS 6 
7 1 Y 1 A HIS -1 ? A HIS 7 
8 1 Y 1 A HIS 0  ? A HIS 8 
# 
loop_
_chem_comp_atom.comp_id 
_chem_comp_atom.atom_id 
_chem_comp_atom.type_symbol 
_chem_comp_atom.pdbx_aromatic_flag 
_chem_comp_atom.pdbx_stereo_config 
_chem_comp_atom.pdbx_ordinal 
ALA N    N  N N 1   
ALA CA   C  N S 2   
ALA C    C  N N 3   
ALA O    O  N N 4   
ALA CB   C  N N 5   
ALA OXT  O  N N 6   
ALA H    H  N N 7   
ALA H2   H  N N 8   
ALA HA   H  N N 9   
ALA HB1  H  N N 10  
ALA HB2  H  N N 11  
ALA HB3  H  N N 12  
ALA HXT  H  N N 13  
ARG N    N  N N 14  
ARG CA   C  N S 15  
ARG C    C  N N 16  
ARG O    O  N N 17  
ARG CB   C  N N 18  
ARG CG   C  N N 19  
ARG CD   C  N N 20  
ARG NE   N  N N 21  
ARG CZ   C  N N 22  
ARG NH1  N  N N 23  
ARG NH2  N  N N 24  
ARG OXT  O  N N 25  
ARG H    H  N N 26  
ARG H2   H  N N 27  
ARG HA   H  N N 28  
ARG HB2  H  N N 29  
ARG HB3  H  N N 30  
ARG HG2  H  N N 31  
ARG HG3  H  N N 32  
ARG HD2  H  N N 33  
ARG HD3  H  N N 34  
ARG HE   H  N N 35  
ARG HH11 H  N N 36  
ARG HH12 H  N N 37  
ARG HH21 H  N N 38  
ARG HH22 H  N N 39  
ARG HXT  H  N N 40  
ASN N    N  N N 41  
ASN CA   C  N S 42  
ASN C    C  N N 43  
ASN O    O  N N 44  
ASN CB   C  N N 45  
ASN CG   C  N N 46  
ASN OD1  O  N N 47  
ASN ND2  N  N N 48  
ASN OXT  O  N N 49  
ASN H    H  N N 50  
ASN H2   H  N N 51  
ASN HA   H  N N 52  
ASN HB2  H  N N 53  
ASN HB3  H  N N 54  
ASN HD21 H  N N 55  
ASN HD22 H  N N 56  
ASN HXT  H  N N 57  
ASP N    N  N N 58  
ASP CA   C  N S 59  
ASP C    C  N N 60  
ASP O    O  N N 61  
ASP CB   C  N N 62  
ASP CG   C  N N 63  
ASP OD1  O  N N 64  
ASP OD2  O  N N 65  
ASP OXT  O  N N 66  
ASP H    H  N N 67  
ASP H2   H  N N 68  
ASP HA   H  N N 69  
ASP HB2  H  N N 70  
ASP HB3  H  N N 71  
ASP HD2  H  N N 72  
ASP HXT  H  N N 73  
CYS N    N  N N 74  
CYS CA   C  N R 75  
CYS C    C  N N 76  
CYS O    O  N N 77  
CYS CB   C  N N 78  
CYS SG   S  N N 79  
CYS OXT  O  N N 80  
CYS H    H  N N 81  
CYS H2   H  N N 82  
CYS HA   H  N N 83  
CYS HB2  H  N N 84  
CYS HB3  H  N N 85  
CYS HG   H  N N 86  
CYS HXT  H  N N 87  
GLN N    N  N N 88  
GLN CA   C  N S 89  
GLN C    C  N N 90  
GLN O    O  N N 91  
GLN CB   C  N N 92  
GLN CG   C  N N 93  
GLN CD   C  N N 94  
GLN OE1  O  N N 95  
GLN NE2  N  N N 96  
GLN OXT  O  N N 97  
GLN H    H  N N 98  
GLN H2   H  N N 99  
GLN HA   H  N N 100 
GLN HB2  H  N N 101 
GLN HB3  H  N N 102 
GLN HG2  H  N N 103 
GLN HG3  H  N N 104 
GLN HE21 H  N N 105 
GLN HE22 H  N N 106 
GLN HXT  H  N N 107 
GLU N    N  N N 108 
GLU CA   C  N S 109 
GLU C    C  N N 110 
GLU O    O  N N 111 
GLU CB   C  N N 112 
GLU CG   C  N N 113 
GLU CD   C  N N 114 
GLU OE1  O  N N 115 
GLU OE2  O  N N 116 
GLU OXT  O  N N 117 
GLU H    H  N N 118 
GLU H2   H  N N 119 
GLU HA   H  N N 120 
GLU HB2  H  N N 121 
GLU HB3  H  N N 122 
GLU HG2  H  N N 123 
GLU HG3  H  N N 124 
GLU HE2  H  N N 125 
GLU HXT  H  N N 126 
GLY N    N  N N 127 
GLY CA   C  N N 128 
GLY C    C  N N 129 
GLY O    O  N N 130 
GLY OXT  O  N N 131 
GLY H    H  N N 132 
GLY H2   H  N N 133 
GLY HA2  H  N N 134 
GLY HA3  H  N N 135 
GLY HXT  H  N N 136 
HIS N    N  N N 137 
HIS CA   C  N S 138 
HIS C    C  N N 139 
HIS O    O  N N 140 
HIS CB   C  N N 141 
HIS CG   C  Y N 142 
HIS ND1  N  Y N 143 
HIS CD2  C  Y N 144 
HIS CE1  C  Y N 145 
HIS NE2  N  Y N 146 
HIS OXT  O  N N 147 
HIS H    H  N N 148 
HIS H2   H  N N 149 
HIS HA   H  N N 150 
HIS HB2  H  N N 151 
HIS HB3  H  N N 152 
HIS HD1  H  N N 153 
HIS HD2  H  N N 154 
HIS HE1  H  N N 155 
HIS HE2  H  N N 156 
HIS HXT  H  N N 157 
HOH O    O  N N 158 
HOH H1   H  N N 159 
HOH H2   H  N N 160 
ILE N    N  N N 161 
ILE CA   C  N S 162 
ILE C    C  N N 163 
ILE O    O  N N 164 
ILE CB   C  N S 165 
ILE CG1  C  N N 166 
ILE CG2  C  N N 167 
ILE CD1  C  N N 168 
ILE OXT  O  N N 169 
ILE H    H  N N 170 
ILE H2   H  N N 171 
ILE HA   H  N N 172 
ILE HB   H  N N 173 
ILE HG12 H  N N 174 
ILE HG13 H  N N 175 
ILE HG21 H  N N 176 
ILE HG22 H  N N 177 
ILE HG23 H  N N 178 
ILE HD11 H  N N 179 
ILE HD12 H  N N 180 
ILE HD13 H  N N 181 
ILE HXT  H  N N 182 
LEU N    N  N N 183 
LEU CA   C  N S 184 
LEU C    C  N N 185 
LEU O    O  N N 186 
LEU CB   C  N N 187 
LEU CG   C  N N 188 
LEU CD1  C  N N 189 
LEU CD2  C  N N 190 
LEU OXT  O  N N 191 
LEU H    H  N N 192 
LEU H2   H  N N 193 
LEU HA   H  N N 194 
LEU HB2  H  N N 195 
LEU HB3  H  N N 196 
LEU HG   H  N N 197 
LEU HD11 H  N N 198 
LEU HD12 H  N N 199 
LEU HD13 H  N N 200 
LEU HD21 H  N N 201 
LEU HD22 H  N N 202 
LEU HD23 H  N N 203 
LEU HXT  H  N N 204 
LYS N    N  N N 205 
LYS CA   C  N S 206 
LYS C    C  N N 207 
LYS O    O  N N 208 
LYS CB   C  N N 209 
LYS CG   C  N N 210 
LYS CD   C  N N 211 
LYS CE   C  N N 212 
LYS NZ   N  N N 213 
LYS OXT  O  N N 214 
LYS H    H  N N 215 
LYS H2   H  N N 216 
LYS HA   H  N N 217 
LYS HB2  H  N N 218 
LYS HB3  H  N N 219 
LYS HG2  H  N N 220 
LYS HG3  H  N N 221 
LYS HD2  H  N N 222 
LYS HD3  H  N N 223 
LYS HE2  H  N N 224 
LYS HE3  H  N N 225 
LYS HZ1  H  N N 226 
LYS HZ2  H  N N 227 
LYS HZ3  H  N N 228 
LYS HXT  H  N N 229 
MET N    N  N N 230 
MET CA   C  N S 231 
MET C    C  N N 232 
MET O    O  N N 233 
MET CB   C  N N 234 
MET CG   C  N N 235 
MET SD   S  N N 236 
MET CE   C  N N 237 
MET OXT  O  N N 238 
MET H    H  N N 239 
MET H2   H  N N 240 
MET HA   H  N N 241 
MET HB2  H  N N 242 
MET HB3  H  N N 243 
MET HG2  H  N N 244 
MET HG3  H  N N 245 
MET HE1  H  N N 246 
MET HE2  H  N N 247 
MET HE3  H  N N 248 
MET HXT  H  N N 249 
MSE N    N  N N 250 
MSE CA   C  N S 251 
MSE C    C  N N 252 
MSE O    O  N N 253 
MSE OXT  O  N N 254 
MSE CB   C  N N 255 
MSE CG   C  N N 256 
MSE SE   SE N N 257 
MSE CE   C  N N 258 
MSE H    H  N N 259 
MSE H2   H  N N 260 
MSE HA   H  N N 261 
MSE HXT  H  N N 262 
MSE HB2  H  N N 263 
MSE HB3  H  N N 264 
MSE HG2  H  N N 265 
MSE HG3  H  N N 266 
MSE HE1  H  N N 267 
MSE HE2  H  N N 268 
MSE HE3  H  N N 269 
PHE N    N  N N 270 
PHE CA   C  N S 271 
PHE C    C  N N 272 
PHE O    O  N N 273 
PHE CB   C  N N 274 
PHE CG   C  Y N 275 
PHE CD1  C  Y N 276 
PHE CD2  C  Y N 277 
PHE CE1  C  Y N 278 
PHE CE2  C  Y N 279 
PHE CZ   C  Y N 280 
PHE OXT  O  N N 281 
PHE H    H  N N 282 
PHE H2   H  N N 283 
PHE HA   H  N N 284 
PHE HB2  H  N N 285 
PHE HB3  H  N N 286 
PHE HD1  H  N N 287 
PHE HD2  H  N N 288 
PHE HE1  H  N N 289 
PHE HE2  H  N N 290 
PHE HZ   H  N N 291 
PHE HXT  H  N N 292 
PRO N    N  N N 293 
PRO CA   C  N S 294 
PRO C    C  N N 295 
PRO O    O  N N 296 
PRO CB   C  N N 297 
PRO CG   C  N N 298 
PRO CD   C  N N 299 
PRO OXT  O  N N 300 
PRO H    H  N N 301 
PRO HA   H  N N 302 
PRO HB2  H  N N 303 
PRO HB3  H  N N 304 
PRO HG2  H  N N 305 
PRO HG3  H  N N 306 
PRO HD2  H  N N 307 
PRO HD3  H  N N 308 
PRO HXT  H  N N 309 
SER N    N  N N 310 
SER CA   C  N S 311 
SER C    C  N N 312 
SER O    O  N N 313 
SER CB   C  N N 314 
SER OG   O  N N 315 
SER OXT  O  N N 316 
SER H    H  N N 317 
SER H2   H  N N 318 
SER HA   H  N N 319 
SER HB2  H  N N 320 
SER HB3  H  N N 321 
SER HG   H  N N 322 
SER HXT  H  N N 323 
THR N    N  N N 324 
THR CA   C  N S 325 
THR C    C  N N 326 
THR O    O  N N 327 
THR CB   C  N R 328 
THR OG1  O  N N 329 
THR CG2  C  N N 330 
THR OXT  O  N N 331 
THR H    H  N N 332 
THR H2   H  N N 333 
THR HA   H  N N 334 
THR HB   H  N N 335 
THR HG1  H  N N 336 
THR HG21 H  N N 337 
THR HG22 H  N N 338 
THR HG23 H  N N 339 
THR HXT  H  N N 340 
TYR N    N  N N 341 
TYR CA   C  N S 342 
TYR C    C  N N 343 
TYR O    O  N N 344 
TYR CB   C  N N 345 
TYR CG   C  Y N 346 
TYR CD1  C  Y N 347 
TYR CD2  C  Y N 348 
TYR CE1  C  Y N 349 
TYR CE2  C  Y N 350 
TYR CZ   C  Y N 351 
TYR OH   O  N N 352 
TYR OXT  O  N N 353 
TYR H    H  N N 354 
TYR H2   H  N N 355 
TYR HA   H  N N 356 
TYR HB2  H  N N 357 
TYR HB3  H  N N 358 
TYR HD1  H  N N 359 
TYR HD2  H  N N 360 
TYR HE1  H  N N 361 
TYR HE2  H  N N 362 
TYR HH   H  N N 363 
TYR HXT  H  N N 364 
VAL N    N  N N 365 
VAL CA   C  N S 366 
VAL C    C  N N 367 
VAL O    O  N N 368 
VAL CB   C  N N 369 
VAL CG1  C  N N 370 
VAL CG2  C  N N 371 
VAL OXT  O  N N 372 
VAL H    H  N N 373 
VAL H2   H  N N 374 
VAL HA   H  N N 375 
VAL HB   H  N N 376 
VAL HG11 H  N N 377 
VAL HG12 H  N N 378 
VAL HG13 H  N N 379 
VAL HG21 H  N N 380 
VAL HG22 H  N N 381 
VAL HG23 H  N N 382 
VAL HXT  H  N N 383 
# 
loop_
_chem_comp_bond.comp_id 
_chem_comp_bond.atom_id_1 
_chem_comp_bond.atom_id_2 
_chem_comp_bond.value_order 
_chem_comp_bond.pdbx_aromatic_flag 
_chem_comp_bond.pdbx_stereo_config 
_chem_comp_bond.pdbx_ordinal 
ALA N   CA   sing N N 1   
ALA N   H    sing N N 2   
ALA N   H2   sing N N 3   
ALA CA  C    sing N N 4   
ALA CA  CB   sing N N 5   
ALA CA  HA   sing N N 6   
ALA C   O    doub N N 7   
ALA C   OXT  sing N N 8   
ALA CB  HB1  sing N N 9   
ALA CB  HB2  sing N N 10  
ALA CB  HB3  sing N N 11  
ALA OXT HXT  sing N N 12  
ARG N   CA   sing N N 13  
ARG N   H    sing N N 14  
ARG N   H2   sing N N 15  
ARG CA  C    sing N N 16  
ARG CA  CB   sing N N 17  
ARG CA  HA   sing N N 18  
ARG C   O    doub N N 19  
ARG C   OXT  sing N N 20  
ARG CB  CG   sing N N 21  
ARG CB  HB2  sing N N 22  
ARG CB  HB3  sing N N 23  
ARG CG  CD   sing N N 24  
ARG CG  HG2  sing N N 25  
ARG CG  HG3  sing N N 26  
ARG CD  NE   sing N N 27  
ARG CD  HD2  sing N N 28  
ARG CD  HD3  sing N N 29  
ARG NE  CZ   sing N N 30  
ARG NE  HE   sing N N 31  
ARG CZ  NH1  sing N N 32  
ARG CZ  NH2  doub N N 33  
ARG NH1 HH11 sing N N 34  
ARG NH1 HH12 sing N N 35  
ARG NH2 HH21 sing N N 36  
ARG NH2 HH22 sing N N 37  
ARG OXT HXT  sing N N 38  
ASN N   CA   sing N N 39  
ASN N   H    sing N N 40  
ASN N   H2   sing N N 41  
ASN CA  C    sing N N 42  
ASN CA  CB   sing N N 43  
ASN CA  HA   sing N N 44  
ASN C   O    doub N N 45  
ASN C   OXT  sing N N 46  
ASN CB  CG   sing N N 47  
ASN CB  HB2  sing N N 48  
ASN CB  HB3  sing N N 49  
ASN CG  OD1  doub N N 50  
ASN CG  ND2  sing N N 51  
ASN ND2 HD21 sing N N 52  
ASN ND2 HD22 sing N N 53  
ASN OXT HXT  sing N N 54  
ASP N   CA   sing N N 55  
ASP N   H    sing N N 56  
ASP N   H2   sing N N 57  
ASP CA  C    sing N N 58  
ASP CA  CB   sing N N 59  
ASP CA  HA   sing N N 60  
ASP C   O    doub N N 61  
ASP C   OXT  sing N N 62  
ASP CB  CG   sing N N 63  
ASP CB  HB2  sing N N 64  
ASP CB  HB3  sing N N 65  
ASP CG  OD1  doub N N 66  
ASP CG  OD2  sing N N 67  
ASP OD2 HD2  sing N N 68  
ASP OXT HXT  sing N N 69  
CYS N   CA   sing N N 70  
CYS N   H    sing N N 71  
CYS N   H2   sing N N 72  
CYS CA  C    sing N N 73  
CYS CA  CB   sing N N 74  
CYS CA  HA   sing N N 75  
CYS C   O    doub N N 76  
CYS C   OXT  sing N N 77  
CYS CB  SG   sing N N 78  
CYS CB  HB2  sing N N 79  
CYS CB  HB3  sing N N 80  
CYS SG  HG   sing N N 81  
CYS OXT HXT  sing N N 82  
GLN N   CA   sing N N 83  
GLN N   H    sing N N 84  
GLN N   H2   sing N N 85  
GLN CA  C    sing N N 86  
GLN CA  CB   sing N N 87  
GLN CA  HA   sing N N 88  
GLN C   O    doub N N 89  
GLN C   OXT  sing N N 90  
GLN CB  CG   sing N N 91  
GLN CB  HB2  sing N N 92  
GLN CB  HB3  sing N N 93  
GLN CG  CD   sing N N 94  
GLN CG  HG2  sing N N 95  
GLN CG  HG3  sing N N 96  
GLN CD  OE1  doub N N 97  
GLN CD  NE2  sing N N 98  
GLN NE2 HE21 sing N N 99  
GLN NE2 HE22 sing N N 100 
GLN OXT HXT  sing N N 101 
GLU N   CA   sing N N 102 
GLU N   H    sing N N 103 
GLU N   H2   sing N N 104 
GLU CA  C    sing N N 105 
GLU CA  CB   sing N N 106 
GLU CA  HA   sing N N 107 
GLU C   O    doub N N 108 
GLU C   OXT  sing N N 109 
GLU CB  CG   sing N N 110 
GLU CB  HB2  sing N N 111 
GLU CB  HB3  sing N N 112 
GLU CG  CD   sing N N 113 
GLU CG  HG2  sing N N 114 
GLU CG  HG3  sing N N 115 
GLU CD  OE1  doub N N 116 
GLU CD  OE2  sing N N 117 
GLU OE2 HE2  sing N N 118 
GLU OXT HXT  sing N N 119 
GLY N   CA   sing N N 120 
GLY N   H    sing N N 121 
GLY N   H2   sing N N 122 
GLY CA  C    sing N N 123 
GLY CA  HA2  sing N N 124 
GLY CA  HA3  sing N N 125 
GLY C   O    doub N N 126 
GLY C   OXT  sing N N 127 
GLY OXT HXT  sing N N 128 
HIS N   CA   sing N N 129 
HIS N   H    sing N N 130 
HIS N   H2   sing N N 131 
HIS CA  C    sing N N 132 
HIS CA  CB   sing N N 133 
HIS CA  HA   sing N N 134 
HIS C   O    doub N N 135 
HIS C   OXT  sing N N 136 
HIS CB  CG   sing N N 137 
HIS CB  HB2  sing N N 138 
HIS CB  HB3  sing N N 139 
HIS CG  ND1  sing Y N 140 
HIS CG  CD2  doub Y N 141 
HIS ND1 CE1  doub Y N 142 
HIS ND1 HD1  sing N N 143 
HIS CD2 NE2  sing Y N 144 
HIS CD2 HD2  sing N N 145 
HIS CE1 NE2  sing Y N 146 
HIS CE1 HE1  sing N N 147 
HIS NE2 HE2  sing N N 148 
HIS OXT HXT  sing N N 149 
HOH O   H1   sing N N 150 
HOH O   H2   sing N N 151 
ILE N   CA   sing N N 152 
ILE N   H    sing N N 153 
ILE N   H2   sing N N 154 
ILE CA  C    sing N N 155 
ILE CA  CB   sing N N 156 
ILE CA  HA   sing N N 157 
ILE C   O    doub N N 158 
ILE C   OXT  sing N N 159 
ILE CB  CG1  sing N N 160 
ILE CB  CG2  sing N N 161 
ILE CB  HB   sing N N 162 
ILE CG1 CD1  sing N N 163 
ILE CG1 HG12 sing N N 164 
ILE CG1 HG13 sing N N 165 
ILE CG2 HG21 sing N N 166 
ILE CG2 HG22 sing N N 167 
ILE CG2 HG23 sing N N 168 
ILE CD1 HD11 sing N N 169 
ILE CD1 HD12 sing N N 170 
ILE CD1 HD13 sing N N 171 
ILE OXT HXT  sing N N 172 
LEU N   CA   sing N N 173 
LEU N   H    sing N N 174 
LEU N   H2   sing N N 175 
LEU CA  C    sing N N 176 
LEU CA  CB   sing N N 177 
LEU CA  HA   sing N N 178 
LEU C   O    doub N N 179 
LEU C   OXT  sing N N 180 
LEU CB  CG   sing N N 181 
LEU CB  HB2  sing N N 182 
LEU CB  HB3  sing N N 183 
LEU CG  CD1  sing N N 184 
LEU CG  CD2  sing N N 185 
LEU CG  HG   sing N N 186 
LEU CD1 HD11 sing N N 187 
LEU CD1 HD12 sing N N 188 
LEU CD1 HD13 sing N N 189 
LEU CD2 HD21 sing N N 190 
LEU CD2 HD22 sing N N 191 
LEU CD2 HD23 sing N N 192 
LEU OXT HXT  sing N N 193 
LYS N   CA   sing N N 194 
LYS N   H    sing N N 195 
LYS N   H2   sing N N 196 
LYS CA  C    sing N N 197 
LYS CA  CB   sing N N 198 
LYS CA  HA   sing N N 199 
LYS C   O    doub N N 200 
LYS C   OXT  sing N N 201 
LYS CB  CG   sing N N 202 
LYS CB  HB2  sing N N 203 
LYS CB  HB3  sing N N 204 
LYS CG  CD   sing N N 205 
LYS CG  HG2  sing N N 206 
LYS CG  HG3  sing N N 207 
LYS CD  CE   sing N N 208 
LYS CD  HD2  sing N N 209 
LYS CD  HD3  sing N N 210 
LYS CE  NZ   sing N N 211 
LYS CE  HE2  sing N N 212 
LYS CE  HE3  sing N N 213 
LYS NZ  HZ1  sing N N 214 
LYS NZ  HZ2  sing N N 215 
LYS NZ  HZ3  sing N N 216 
LYS OXT HXT  sing N N 217 
MET N   CA   sing N N 218 
MET N   H    sing N N 219 
MET N   H2   sing N N 220 
MET CA  C    sing N N 221 
MET CA  CB   sing N N 222 
MET CA  HA   sing N N 223 
MET C   O    doub N N 224 
MET C   OXT  sing N N 225 
MET CB  CG   sing N N 226 
MET CB  HB2  sing N N 227 
MET CB  HB3  sing N N 228 
MET CG  SD   sing N N 229 
MET CG  HG2  sing N N 230 
MET CG  HG3  sing N N 231 
MET SD  CE   sing N N 232 
MET CE  HE1  sing N N 233 
MET CE  HE2  sing N N 234 
MET CE  HE3  sing N N 235 
MET OXT HXT  sing N N 236 
MSE N   CA   sing N N 237 
MSE N   H    sing N N 238 
MSE N   H2   sing N N 239 
MSE CA  C    sing N N 240 
MSE CA  CB   sing N N 241 
MSE CA  HA   sing N N 242 
MSE C   O    doub N N 243 
MSE C   OXT  sing N N 244 
MSE OXT HXT  sing N N 245 
MSE CB  CG   sing N N 246 
MSE CB  HB2  sing N N 247 
MSE CB  HB3  sing N N 248 
MSE CG  SE   sing N N 249 
MSE CG  HG2  sing N N 250 
MSE CG  HG3  sing N N 251 
MSE SE  CE   sing N N 252 
MSE CE  HE1  sing N N 253 
MSE CE  HE2  sing N N 254 
MSE CE  HE3  sing N N 255 
PHE N   CA   sing N N 256 
PHE N   H    sing N N 257 
PHE N   H2   sing N N 258 
PHE CA  C    sing N N 259 
PHE CA  CB   sing N N 260 
PHE CA  HA   sing N N 261 
PHE C   O    doub N N 262 
PHE C   OXT  sing N N 263 
PHE CB  CG   sing N N 264 
PHE CB  HB2  sing N N 265 
PHE CB  HB3  sing N N 266 
PHE CG  CD1  doub Y N 267 
PHE CG  CD2  sing Y N 268 
PHE CD1 CE1  sing Y N 269 
PHE CD1 HD1  sing N N 270 
PHE CD2 CE2  doub Y N 271 
PHE CD2 HD2  sing N N 272 
PHE CE1 CZ   doub Y N 273 
PHE CE1 HE1  sing N N 274 
PHE CE2 CZ   sing Y N 275 
PHE CE2 HE2  sing N N 276 
PHE CZ  HZ   sing N N 277 
PHE OXT HXT  sing N N 278 
PRO N   CA   sing N N 279 
PRO N   CD   sing N N 280 
PRO N   H    sing N N 281 
PRO CA  C    sing N N 282 
PRO CA  CB   sing N N 283 
PRO CA  HA   sing N N 284 
PRO C   O    doub N N 285 
PRO C   OXT  sing N N 286 
PRO CB  CG   sing N N 287 
PRO CB  HB2  sing N N 288 
PRO CB  HB3  sing N N 289 
PRO CG  CD   sing N N 290 
PRO CG  HG2  sing N N 291 
PRO CG  HG3  sing N N 292 
PRO CD  HD2  sing N N 293 
PRO CD  HD3  sing N N 294 
PRO OXT HXT  sing N N 295 
SER N   CA   sing N N 296 
SER N   H    sing N N 297 
SER N   H2   sing N N 298 
SER CA  C    sing N N 299 
SER CA  CB   sing N N 300 
SER CA  HA   sing N N 301 
SER C   O    doub N N 302 
SER C   OXT  sing N N 303 
SER CB  OG   sing N N 304 
SER CB  HB2  sing N N 305 
SER CB  HB3  sing N N 306 
SER OG  HG   sing N N 307 
SER OXT HXT  sing N N 308 
THR N   CA   sing N N 309 
THR N   H    sing N N 310 
THR N   H2   sing N N 311 
THR CA  C    sing N N 312 
THR CA  CB   sing N N 313 
THR CA  HA   sing N N 314 
THR C   O    doub N N 315 
THR C   OXT  sing N N 316 
THR CB  OG1  sing N N 317 
THR CB  CG2  sing N N 318 
THR CB  HB   sing N N 319 
THR OG1 HG1  sing N N 320 
THR CG2 HG21 sing N N 321 
THR CG2 HG22 sing N N 322 
THR CG2 HG23 sing N N 323 
THR OXT HXT  sing N N 324 
TYR N   CA   sing N N 325 
TYR N   H    sing N N 326 
TYR N   H2   sing N N 327 
TYR CA  C    sing N N 328 
TYR CA  CB   sing N N 329 
TYR CA  HA   sing N N 330 
TYR C   O    doub N N 331 
TYR C   OXT  sing N N 332 
TYR CB  CG   sing N N 333 
TYR CB  HB2  sing N N 334 
TYR CB  HB3  sing N N 335 
TYR CG  CD1  doub Y N 336 
TYR CG  CD2  sing Y N 337 
TYR CD1 CE1  sing Y N 338 
TYR CD1 HD1  sing N N 339 
TYR CD2 CE2  doub Y N 340 
TYR CD2 HD2  sing N N 341 
TYR CE1 CZ   doub Y N 342 
TYR CE1 HE1  sing N N 343 
TYR CE2 CZ   sing Y N 344 
TYR CE2 HE2  sing N N 345 
TYR CZ  OH   sing N N 346 
TYR OH  HH   sing N N 347 
TYR OXT HXT  sing N N 348 
VAL N   CA   sing N N 349 
VAL N   H    sing N N 350 
VAL N   H2   sing N N 351 
VAL CA  C    sing N N 352 
VAL CA  CB   sing N N 353 
VAL CA  HA   sing N N 354 
VAL C   O    doub N N 355 
VAL C   OXT  sing N N 356 
VAL CB  CG1  sing N N 357 
VAL CB  CG2  sing N N 358 
VAL CB  HB   sing N N 359 
VAL CG1 HG11 sing N N 360 
VAL CG1 HG12 sing N N 361 
VAL CG1 HG13 sing N N 362 
VAL CG2 HG21 sing N N 363 
VAL CG2 HG22 sing N N 364 
VAL CG2 HG23 sing N N 365 
VAL OXT HXT  sing N N 366 
# 
_atom_sites.entry_id                    1YDL 
_atom_sites.fract_transf_matrix[1][1]   0.00800401 
_atom_sites.fract_transf_matrix[1][2]   -0.02271935 
_atom_sites.fract_transf_matrix[1][3]   -0.00170077 
_atom_sites.fract_transf_matrix[2][1]   -0.01616677 
_atom_sites.fract_transf_matrix[2][2]   -0.00619322 
_atom_sites.fract_transf_matrix[2][3]   0.00664807 
_atom_sites.fract_transf_matrix[3][1]   -0.01036240 
_atom_sites.fract_transf_matrix[3][2]   -0.00164923 
_atom_sites.fract_transf_matrix[3][3]   -0.02673568 
_atom_sites.fract_transf_vector[1]      0.175444 
_atom_sites.fract_transf_vector[2]      0.586846 
_atom_sites.fract_transf_vector[3]      0.708755 
# 
loop_
_atom_type.symbol 
C  
N  
O  
S  
SE 
# 
loop_
_atom_site.group_PDB 
_atom_site.id 
_atom_site.type_symbol 
_atom_site.label_atom_id 
_atom_site.label_alt_id 
_atom_site.label_comp_id 
_atom_site.label_asym_id 
_atom_site.label_entity_id 
_atom_site.label_seq_id 
_atom_site.pdbx_PDB_ins_code 
_atom_site.Cartn_x 
_atom_site.Cartn_y 
_atom_site.Cartn_z 
_atom_site.occupancy 
_atom_site.B_iso_or_equiv 
_atom_site.pdbx_formal_charge 
_atom_site.auth_seq_id 
_atom_site.auth_comp_id 
_atom_site.auth_asym_id 
_atom_site.auth_atom_id 
_atom_site.pdbx_PDB_model_num 
ATOM   1   N  N   . SER A 1 9  ? 9.323   -26.740 1.683   1.00 49.64 ? 1   SER A N   1 
ATOM   2   C  CA  . SER A 1 9  ? 8.786   -25.479 2.266   1.00 46.98 ? 1   SER A CA  1 
ATOM   3   C  C   . SER A 1 9  ? 7.294   -25.614 2.533   1.00 47.51 ? 1   SER A C   1 
ATOM   4   O  O   . SER A 1 9  ? 6.585   -26.306 1.800   1.00 48.48 ? 1   SER A O   1 
ATOM   5   C  CB  . SER A 1 9  ? 9.045   -24.324 1.308   1.00 45.57 ? 1   SER A CB  1 
ATOM   6   O  OG  . SER A 1 9  ? 10.423  -24.243 1.005   1.00 47.71 ? 1   SER A OG  1 
ATOM   7   N  N   . HIS A 1 10 ? 6.813   -24.952 3.580   1.00 46.05 ? 2   HIS A N   1 
ATOM   8   C  CA  . HIS A 1 10 ? 5.400   -25.023 3.925   1.00 44.93 ? 2   HIS A CA  1 
ATOM   9   C  C   . HIS A 1 10 ? 4.692   -23.725 3.567   1.00 42.65 ? 2   HIS A C   1 
ATOM   10  O  O   . HIS A 1 10 ? 3.761   -23.717 2.764   1.00 44.35 ? 2   HIS A O   1 
ATOM   11  C  CB  . HIS A 1 10 ? 5.236   -25.316 5.419   1.00 45.97 ? 2   HIS A CB  1 
ATOM   12  C  CG  . HIS A 1 10 ? 6.482   -25.836 6.062   1.00 47.68 ? 2   HIS A CG  1 
ATOM   13  N  ND1 . HIS A 1 10 ? 7.269   -26.803 5.482   1.00 50.97 ? 2   HIS A ND1 1 
ATOM   14  C  CD2 . HIS A 1 10 ? 7.093   -25.496 7.220   1.00 48.65 ? 2   HIS A CD2 1 
ATOM   15  C  CE1 . HIS A 1 10 ? 8.317   -27.038 6.253   1.00 50.57 ? 2   HIS A CE1 1 
ATOM   16  N  NE2 . HIS A 1 10 ? 8.233   -26.256 7.314   1.00 48.58 ? 2   HIS A NE2 1 
ATOM   17  N  N   . GLY A 1 11 ? 5.129   -22.628 4.166   1.00 39.47 ? 3   GLY A N   1 
ATOM   18  C  CA  . GLY A 1 11 ? 4.510   -21.353 3.862   1.00 36.90 ? 3   GLY A CA  1 
ATOM   19  C  C   . GLY A 1 11 ? 5.353   -20.553 2.878   1.00 34.72 ? 3   GLY A C   1 
ATOM   20  O  O   . GLY A 1 11 ? 6.559   -20.430 3.063   1.00 31.53 ? 3   GLY A O   1 
ATOM   21  N  N   . THR A 1 12 ? 4.726   -20.032 1.823   1.00 34.34 ? 4   THR A N   1 
ATOM   22  C  CA  . THR A 1 12 ? 5.422   -19.216 0.830   1.00 33.41 ? 4   THR A CA  1 
ATOM   23  C  C   . THR A 1 12 ? 4.484   -18.160 0.259   1.00 33.93 ? 4   THR A C   1 
ATOM   24  O  O   . THR A 1 12 ? 3.294   -18.413 0.039   1.00 34.47 ? 4   THR A O   1 
ATOM   25  C  CB  . THR A 1 12 ? 5.981   -20.042 -0.360  1.00 34.46 ? 4   THR A CB  1 
ATOM   26  O  OG1 . THR A 1 12 ? 4.900   -20.573 -1.131  1.00 35.98 ? 4   THR A OG1 1 
ATOM   27  C  CG2 . THR A 1 12 ? 6.870   -21.170 0.133   1.00 34.42 ? 4   THR A CG2 1 
ATOM   28  N  N   . ARG A 1 13 ? 5.026   -16.972 0.018   1.00 33.64 ? 5   ARG A N   1 
ATOM   29  C  CA  . ARG A 1 13 ? 4.233   -15.880 -0.523  1.00 32.71 ? 5   ARG A CA  1 
ATOM   30  C  C   . ARG A 1 13 ? 5.068   -14.974 -1.422  1.00 30.62 ? 5   ARG A C   1 
ATOM   31  O  O   . ARG A 1 13 ? 6.149   -14.536 -1.036  1.00 29.25 ? 5   ARG A O   1 
ATOM   32  C  CB  . ARG A 1 13 ? 3.628   -15.072 0.627   1.00 33.71 ? 5   ARG A CB  1 
ATOM   33  C  CG  . ARG A 1 13 ? 2.704   -13.944 0.199   1.00 36.99 ? 5   ARG A CG  1 
ATOM   34  C  CD  . ARG A 1 13 ? 1.583   -14.433 -0.720  1.00 39.18 ? 5   ARG A CD  1 
ATOM   35  N  NE  . ARG A 1 13 ? 0.606   -13.380 -0.992  1.00 37.55 ? 5   ARG A NE  1 
ATOM   36  C  CZ  . ARG A 1 13 ? -0.238  -12.902 -0.084  1.00 36.11 ? 5   ARG A CZ  1 
ATOM   37  N  NH1 . ARG A 1 13 ? -1.092  -11.942 -0.416  1.00 33.70 ? 5   ARG A NH1 1 
ATOM   38  N  NH2 . ARG A 1 13 ? -0.235  -13.389 1.156   1.00 34.90 ? 5   ARG A NH2 1 
ATOM   39  N  N   . LYS A 1 14 ? 4.560   -14.717 -2.626  1.00 29.79 ? 6   LYS A N   1 
ATOM   40  C  CA  . LYS A 1 14 ? 5.226   -13.851 -3.593  1.00 28.35 ? 6   LYS A CA  1 
ATOM   41  C  C   . LYS A 1 14 ? 4.889   -12.412 -3.237  1.00 27.66 ? 6   LYS A C   1 
ATOM   42  O  O   . LYS A 1 14 ? 3.740   -12.101 -2.913  1.00 29.39 ? 6   LYS A O   1 
ATOM   43  C  CB  . LYS A 1 14 ? 4.745   -14.173 -5.017  1.00 30.90 ? 6   LYS A CB  1 
ATOM   44  C  CG  . LYS A 1 14 ? 5.189   -15.544 -5.528  1.00 33.36 ? 6   LYS A CG  1 
ATOM   45  C  CD  . LYS A 1 14 ? 4.295   -16.060 -6.650  1.00 36.72 ? 6   LYS A CD  1 
ATOM   46  C  CE  . LYS A 1 14 ? 4.687   -17.469 -7.100  1.00 39.49 ? 6   LYS A CE  1 
ATOM   47  N  NZ  . LYS A 1 14 ? 4.525   -18.499 -6.029  1.00 43.17 ? 6   LYS A NZ  1 
ATOM   48  N  N   . GLY A 1 15 ? 5.886   -11.536 -3.267  1.00 25.18 ? 7   GLY A N   1 
ATOM   49  C  CA  . GLY A 1 15 ? 5.625   -10.151 -2.936  1.00 25.26 ? 7   GLY A CA  1 
ATOM   50  C  C   . GLY A 1 15 ? 6.822   -9.241  -3.120  1.00 25.62 ? 7   GLY A C   1 
ATOM   51  O  O   . GLY A 1 15 ? 7.717   -9.516  -3.919  1.00 25.52 ? 7   GLY A O   1 
HETATM 52  N  N   . MSE A 1 16 ? 6.853   -8.153  -2.371  1.00 24.14 ? 8   MSE A N   1 
HETATM 53  C  CA  . MSE A 1 16 ? 7.955   -7.224  -2.501  1.00 26.99 ? 8   MSE A CA  1 
HETATM 54  C  C   . MSE A 1 16 ? 8.527   -6.858  -1.145  1.00 24.20 ? 8   MSE A C   1 
HETATM 55  O  O   . MSE A 1 16 ? 7.801   -6.474  -0.230  1.00 24.39 ? 8   MSE A O   1 
HETATM 56  C  CB  . MSE A 1 16 ? 7.477   -5.973  -3.255  1.00 30.21 ? 8   MSE A CB  1 
HETATM 57  C  CG  . MSE A 1 16 ? 8.572   -4.988  -3.630  1.00 37.78 ? 8   MSE A CG  1 
HETATM 58  SE SE  . MSE A 1 16 ? 7.939   -3.488  -4.696  1.00 49.97 ? 8   MSE A SE  1 
HETATM 59  C  CE  . MSE A 1 16 ? 7.112   -2.415  -3.320  1.00 46.07 ? 8   MSE A CE  1 
ATOM   60  N  N   . LEU A 1 17 ? 9.835   -7.031  -1.018  1.00 24.44 ? 9   LEU A N   1 
ATOM   61  C  CA  . LEU A 1 17 ? 10.545  -6.695  0.202   1.00 24.10 ? 9   LEU A CA  1 
ATOM   62  C  C   . LEU A 1 17 ? 11.028  -5.277  0.005   1.00 24.93 ? 9   LEU A C   1 
ATOM   63  O  O   . LEU A 1 17 ? 11.592  -4.940  -1.036  1.00 22.60 ? 9   LEU A O   1 
ATOM   64  C  CB  . LEU A 1 17 ? 11.755  -7.600  0.418   1.00 21.68 ? 9   LEU A CB  1 
ATOM   65  C  CG  . LEU A 1 17 ? 12.601  -7.235  1.647   1.00 21.15 ? 9   LEU A CG  1 
ATOM   66  C  CD1 . LEU A 1 17 ? 11.758  -7.450  2.900   1.00 15.92 ? 9   LEU A CD1 1 
ATOM   67  C  CD2 . LEU A 1 17 ? 13.879  -8.079  1.703   1.00 14.72 ? 9   LEU A CD2 1 
ATOM   68  N  N   . ILE A 1 18 ? 10.790  -4.445  1.006   1.00 26.17 ? 10  ILE A N   1 
ATOM   69  C  CA  . ILE A 1 18 ? 11.210  -3.062  0.945   1.00 27.37 ? 10  ILE A CA  1 
ATOM   70  C  C   . ILE A 1 18 ? 12.213  -2.794  2.056   1.00 28.69 ? 10  ILE A C   1 
ATOM   71  O  O   . ILE A 1 18 ? 12.083  -3.316  3.163   1.00 27.46 ? 10  ILE A O   1 
ATOM   72  C  CB  . ILE A 1 18 ? 10.012  -2.115  1.110   1.00 25.00 ? 10  ILE A CB  1 
ATOM   73  C  CG1 . ILE A 1 18 ? 9.065   -2.268  -0.086  1.00 24.70 ? 10  ILE A CG1 1 
ATOM   74  C  CG2 . ILE A 1 18 ? 10.504  -0.690  1.283   1.00 27.49 ? 10  ILE A CG2 1 
ATOM   75  C  CD1 . ILE A 1 18 ? 7.876   -1.345  -0.071  1.00 24.36 ? 10  ILE A CD1 1 
ATOM   76  N  N   . GLU A 1 19 ? 13.220  -1.995  1.731   1.00 31.73 ? 11  GLU A N   1 
ATOM   77  C  CA  . GLU A 1 19 ? 14.265  -1.587  2.663   1.00 35.18 ? 11  GLU A CA  1 
ATOM   78  C  C   . GLU A 1 19 ? 14.248  -0.061  2.628   1.00 34.53 ? 11  GLU A C   1 
ATOM   79  O  O   . GLU A 1 19 ? 14.425  0.537   1.570   1.00 34.14 ? 11  GLU A O   1 
ATOM   80  C  CB  . GLU A 1 19 ? 15.636  -2.083  2.197   1.00 37.62 ? 11  GLU A CB  1 
ATOM   81  C  CG  . GLU A 1 19 ? 16.807  -1.490  2.976   1.00 41.70 ? 11  GLU A CG  1 
ATOM   82  C  CD  . GLU A 1 19 ? 18.139  -1.620  2.240   1.00 44.54 ? 11  GLU A CD  1 
ATOM   83  O  OE1 . GLU A 1 19 ? 18.299  -0.999  1.166   1.00 44.04 ? 11  GLU A OE1 1 
ATOM   84  O  OE2 . GLU A 1 19 ? 19.029  -2.341  2.737   1.00 46.25 ? 11  GLU A OE2 1 
ATOM   85  N  N   . CYS A 1 20 ? 14.038  0.565   3.780   1.00 34.75 ? 12  CYS A N   1 
ATOM   86  C  CA  . CYS A 1 20 ? 13.981  2.021   3.849   1.00 35.21 ? 12  CYS A CA  1 
ATOM   87  C  C   . CYS A 1 20 ? 14.241  2.512   5.268   1.00 34.39 ? 12  CYS A C   1 
ATOM   88  O  O   . CYS A 1 20 ? 14.113  1.749   6.226   1.00 33.62 ? 12  CYS A O   1 
ATOM   89  C  CB  . CYS A 1 20 ? 12.601  2.488   3.385   1.00 35.18 ? 12  CYS A CB  1 
ATOM   90  S  SG  . CYS A 1 20 ? 11.274  1.698   4.324   1.00 37.02 ? 12  CYS A SG  1 
ATOM   91  N  N   . ASP A 1 21 ? 14.581  3.791   5.398   1.00 34.48 ? 13  ASP A N   1 
ATOM   92  C  CA  . ASP A 1 21 ? 14.866  4.371   6.705   1.00 37.83 ? 13  ASP A CA  1 
ATOM   93  C  C   . ASP A 1 21 ? 13.765  4.107   7.725   1.00 39.70 ? 13  ASP A C   1 
ATOM   94  O  O   . ASP A 1 21 ? 12.642  3.751   7.365   1.00 40.36 ? 13  ASP A O   1 
ATOM   95  C  CB  . ASP A 1 21 ? 15.118  5.881   6.575   1.00 36.79 ? 13  ASP A CB  1 
ATOM   96  C  CG  . ASP A 1 21 ? 13.936  6.629   6.003   1.00 39.34 ? 13  ASP A CG  1 
ATOM   97  O  OD1 . ASP A 1 21 ? 12.976  6.918   6.751   1.00 38.64 ? 13  ASP A OD1 1 
ATOM   98  O  OD2 . ASP A 1 21 ? 13.962  6.918   4.791   1.00 41.55 ? 13  ASP A OD2 1 
ATOM   99  N  N   . PRO A 1 22 ? 14.078  4.275   9.021   1.00 42.15 ? 14  PRO A N   1 
ATOM   100 C  CA  . PRO A 1 22 ? 13.081  4.039   10.067  1.00 42.38 ? 14  PRO A CA  1 
ATOM   101 C  C   . PRO A 1 22 ? 11.847  4.938   9.961   1.00 43.30 ? 14  PRO A C   1 
ATOM   102 O  O   . PRO A 1 22 ? 10.760  4.555   10.393  1.00 43.03 ? 14  PRO A O   1 
ATOM   103 C  CB  . PRO A 1 22 ? 13.873  4.257   11.356  1.00 44.02 ? 14  PRO A CB  1 
ATOM   104 C  CG  . PRO A 1 22 ? 14.931  5.252   10.949  1.00 44.03 ? 14  PRO A CG  1 
ATOM   105 C  CD  . PRO A 1 22 ? 15.358  4.732   9.599   1.00 42.45 ? 14  PRO A CD  1 
ATOM   106 N  N   . ALA A 1 23 ? 12.012  6.122   9.377   1.00 43.37 ? 15  ALA A N   1 
ATOM   107 C  CA  . ALA A 1 23 ? 10.894  7.049   9.230   1.00 42.81 ? 15  ALA A CA  1 
ATOM   108 C  C   . ALA A 1 23 ? 9.881   6.548   8.205   1.00 42.70 ? 15  ALA A C   1 
ATOM   109 O  O   . ALA A 1 23 ? 8.724   6.323   8.535   1.00 43.25 ? 15  ALA A O   1 
ATOM   110 C  CB  . ALA A 1 23 ? 11.403  8.441   8.838   1.00 41.11 ? 15  ALA A CB  1 
HETATM 111 N  N   . MSE A 1 24 ? 10.315  6.378   6.964   1.00 43.42 ? 16  MSE A N   1 
HETATM 112 C  CA  . MSE A 1 24 ? 9.438   5.890   5.905   1.00 44.71 ? 16  MSE A CA  1 
HETATM 113 C  C   . MSE A 1 24 ? 8.742   4.588   6.329   1.00 43.00 ? 16  MSE A C   1 
HETATM 114 O  O   . MSE A 1 24 ? 7.538   4.423   6.121   1.00 44.49 ? 16  MSE A O   1 
HETATM 115 C  CB  . MSE A 1 24 ? 10.252  5.669   4.623   1.00 48.41 ? 16  MSE A CB  1 
HETATM 116 C  CG  . MSE A 1 24 ? 9.502   4.989   3.495   1.00 53.48 ? 16  MSE A CG  1 
HETATM 117 SE SE  . MSE A 1 24 ? 7.918   5.940   2.935   1.00 65.10 ? 16  MSE A SE  1 
HETATM 118 C  CE  . MSE A 1 24 ? 8.581   6.740   1.311   1.00 57.04 ? 16  MSE A CE  1 
ATOM   119 N  N   . LYS A 1 25 ? 9.496   3.680   6.943   1.00 39.39 ? 17  LYS A N   1 
ATOM   120 C  CA  . LYS A 1 25 ? 8.947   2.400   7.386   1.00 39.42 ? 17  LYS A CA  1 
ATOM   121 C  C   . LYS A 1 25 ? 7.767   2.570   8.335   1.00 39.61 ? 17  LYS A C   1 
ATOM   122 O  O   . LYS A 1 25 ? 6.752   1.888   8.205   1.00 37.61 ? 17  LYS A O   1 
ATOM   123 C  CB  . LYS A 1 25 ? 10.039  1.562   8.055   1.00 40.30 ? 17  LYS A CB  1 
ATOM   124 C  CG  . LYS A 1 25 ? 9.698   0.089   8.204   1.00 38.14 ? 17  LYS A CG  1 
ATOM   125 C  CD  . LYS A 1 25 ? 9.113   -0.239  9.564   1.00 40.60 ? 17  LYS A CD  1 
ATOM   126 C  CE  . LYS A 1 25 ? 8.856   -1.735  9.675   1.00 40.64 ? 17  LYS A CE  1 
ATOM   127 N  NZ  . LYS A 1 25 ? 8.800   -2.189  11.086  1.00 39.64 ? 17  LYS A NZ  1 
ATOM   128 N  N   . GLN A 1 26 ? 7.897   3.480   9.292   1.00 40.23 ? 18  GLN A N   1 
ATOM   129 C  CA  . GLN A 1 26 ? 6.812   3.718   10.233  1.00 41.23 ? 18  GLN A CA  1 
ATOM   130 C  C   . GLN A 1 26 ? 5.621   4.327   9.506   1.00 39.39 ? 18  GLN A C   1 
ATOM   131 O  O   . GLN A 1 26 ? 4.472   4.107   9.882   1.00 39.59 ? 18  GLN A O   1 
ATOM   132 C  CB  . GLN A 1 26 ? 7.274   4.640   11.365  1.00 43.12 ? 18  GLN A CB  1 
ATOM   133 C  CG  . GLN A 1 26 ? 8.170   3.944   12.374  1.00 44.91 ? 18  GLN A CG  1 
ATOM   134 C  CD  . GLN A 1 26 ? 7.529   2.682   12.915  1.00 47.12 ? 18  GLN A CD  1 
ATOM   135 O  OE1 . GLN A 1 26 ? 6.380   2.701   13.352  1.00 48.76 ? 18  GLN A OE1 1 
ATOM   136 N  NE2 . GLN A 1 26 ? 8.270   1.580   12.895  1.00 48.17 ? 18  GLN A NE2 1 
ATOM   137 N  N   . PHE A 1 27 ? 5.907   5.079   8.449   1.00 38.05 ? 19  PHE A N   1 
ATOM   138 C  CA  . PHE A 1 27 ? 4.861   5.717   7.663   1.00 37.63 ? 19  PHE A CA  1 
ATOM   139 C  C   . PHE A 1 27 ? 4.059   4.658   6.905   1.00 34.74 ? 19  PHE A C   1 
ATOM   140 O  O   . PHE A 1 27 ? 2.841   4.764   6.778   1.00 35.47 ? 19  PHE A O   1 
ATOM   141 C  CB  . PHE A 1 27 ? 5.481   6.724   6.688   1.00 41.46 ? 19  PHE A CB  1 
ATOM   142 C  CG  . PHE A 1 27 ? 6.287   7.819   7.362   1.00 46.66 ? 19  PHE A CG  1 
ATOM   143 C  CD1 . PHE A 1 27 ? 6.547   7.780   8.727   1.00 47.70 ? 19  PHE A CD1 1 
ATOM   144 C  CD2 . PHE A 1 27 ? 6.799   8.880   6.622   1.00 47.80 ? 19  PHE A CD2 1 
ATOM   145 C  CE1 . PHE A 1 27 ? 7.307   8.772   9.342   1.00 51.07 ? 19  PHE A CE1 1 
ATOM   146 C  CE2 . PHE A 1 27 ? 7.559   9.880   7.230   1.00 50.34 ? 19  PHE A CE2 1 
ATOM   147 C  CZ  . PHE A 1 27 ? 7.814   9.829   8.591   1.00 50.28 ? 19  PHE A CZ  1 
ATOM   148 N  N   . LEU A 1 28 ? 4.744   3.638   6.401   1.00 32.34 ? 20  LEU A N   1 
ATOM   149 C  CA  . LEU A 1 28 ? 4.062   2.559   5.689   1.00 30.09 ? 20  LEU A CA  1 
ATOM   150 C  C   . LEU A 1 28 ? 3.140   1.839   6.672   1.00 28.28 ? 20  LEU A C   1 
ATOM   151 O  O   . LEU A 1 28 ? 1.981   1.547   6.356   1.00 27.51 ? 20  LEU A O   1 
ATOM   152 C  CB  . LEU A 1 28 ? 5.084   1.587   5.093   1.00 26.47 ? 20  LEU A CB  1 
ATOM   153 C  CG  . LEU A 1 28 ? 5.998   2.259   4.062   1.00 28.12 ? 20  LEU A CG  1 
ATOM   154 C  CD1 . LEU A 1 28 ? 7.082   1.299   3.613   1.00 29.26 ? 20  LEU A CD1 1 
ATOM   155 C  CD2 . LEU A 1 28 ? 5.171   2.730   2.874   1.00 27.49 ? 20  LEU A CD2 1 
ATOM   156 N  N   . LEU A 1 29 ? 3.656   1.557   7.866   1.00 26.80 ? 21  LEU A N   1 
ATOM   157 C  CA  . LEU A 1 29 ? 2.863   0.898   8.899   1.00 26.73 ? 21  LEU A CA  1 
ATOM   158 C  C   . LEU A 1 29 ? 1.641   1.747   9.226   1.00 26.80 ? 21  LEU A C   1 
ATOM   159 O  O   . LEU A 1 29 ? 0.555   1.222   9.458   1.00 24.94 ? 21  LEU A O   1 
ATOM   160 C  CB  . LEU A 1 29 ? 3.677   0.713   10.175  1.00 28.07 ? 21  LEU A CB  1 
ATOM   161 C  CG  . LEU A 1 29 ? 4.751   -0.367  10.201  1.00 29.95 ? 21  LEU A CG  1 
ATOM   162 C  CD1 . LEU A 1 29 ? 5.524   -0.263  11.506  1.00 32.41 ? 21  LEU A CD1 1 
ATOM   163 C  CD2 . LEU A 1 29 ? 4.110   -1.741  10.057  1.00 30.27 ? 21  LEU A CD2 1 
ATOM   164 N  N   . TYR A 1 30 ? 1.823   3.062   9.254   1.00 25.70 ? 22  TYR A N   1 
ATOM   165 C  CA  . TYR A 1 30 ? 0.712   3.945   9.545   1.00 26.40 ? 22  TYR A CA  1 
ATOM   166 C  C   . TYR A 1 30 ? -0.294  3.928   8.409   1.00 25.74 ? 22  TYR A C   1 
ATOM   167 O  O   . TYR A 1 30 ? -1.494  3.951   8.647   1.00 27.37 ? 22  TYR A O   1 
ATOM   168 C  CB  . TYR A 1 30 ? 1.214   5.372   9.792   1.00 30.13 ? 22  TYR A CB  1 
ATOM   169 C  CG  . TYR A 1 30 ? 0.134   6.427   9.739   1.00 32.38 ? 22  TYR A CG  1 
ATOM   170 C  CD1 . TYR A 1 30 ? -0.263  6.979   8.518   1.00 34.94 ? 22  TYR A CD1 1 
ATOM   171 C  CD2 . TYR A 1 30 ? -0.491  6.878   10.903  1.00 34.33 ? 22  TYR A CD2 1 
ATOM   172 C  CE1 . TYR A 1 30 ? -1.243  7.956   8.454   1.00 35.53 ? 22  TYR A CE1 1 
ATOM   173 C  CE2 . TYR A 1 30 ? -1.482  7.863   10.849  1.00 37.24 ? 22  TYR A CE2 1 
ATOM   174 C  CZ  . TYR A 1 30 ? -1.850  8.395   9.615   1.00 37.68 ? 22  TYR A CZ  1 
ATOM   175 O  OH  . TYR A 1 30 ? -2.808  9.380   9.534   1.00 42.15 ? 22  TYR A OH  1 
ATOM   176 N  N   . LEU A 1 31 ? 0.195   3.892   7.174   1.00 23.90 ? 23  LEU A N   1 
ATOM   177 C  CA  . LEU A 1 31 ? -0.686  3.876   6.009   1.00 23.94 ? 23  LEU A CA  1 
ATOM   178 C  C   . LEU A 1 31 ? -1.497  2.583   5.956   1.00 25.33 ? 23  LEU A C   1 
ATOM   179 O  O   . LEU A 1 31 ? -2.688  2.589   5.613   1.00 20.73 ? 23  LEU A O   1 
ATOM   180 C  CB  . LEU A 1 31 ? 0.129   4.012   4.717   1.00 23.29 ? 23  LEU A CB  1 
ATOM   181 C  CG  . LEU A 1 31 ? 0.730   5.385   4.399   1.00 26.54 ? 23  LEU A CG  1 
ATOM   182 C  CD1 . LEU A 1 31 ? 1.372   5.325   3.017   1.00 26.78 ? 23  LEU A CD1 1 
ATOM   183 C  CD2 . LEU A 1 31 ? -0.355  6.476   4.426   1.00 24.96 ? 23  LEU A CD2 1 
ATOM   184 N  N   . ASP A 1 32 ? -0.835  1.478   6.295   1.00 25.16 ? 24  ASP A N   1 
ATOM   185 C  CA  . ASP A 1 32 ? -1.456  0.164   6.303   1.00 25.83 ? 24  ASP A CA  1 
ATOM   186 C  C   . ASP A 1 32 ? -2.509  0.043   7.414   1.00 26.71 ? 24  ASP A C   1 
ATOM   187 O  O   . ASP A 1 32 ? -3.633  -0.391  7.164   1.00 25.62 ? 24  ASP A O   1 
ATOM   188 C  CB  . ASP A 1 32 ? -0.362  -0.901  6.453   1.00 23.83 ? 24  ASP A CB  1 
ATOM   189 C  CG  . ASP A 1 32 ? -0.908  -2.312  6.433   1.00 27.09 ? 24  ASP A CG  1 
ATOM   190 O  OD1 . ASP A 1 32 ? -1.314  -2.796  7.511   1.00 27.49 ? 24  ASP A OD1 1 
ATOM   191 O  OD2 . ASP A 1 32 ? -0.935  -2.938  5.345   1.00 29.82 ? 24  ASP A OD2 1 
ATOM   192 N  N   . GLU A 1 33 ? -2.158  0.444   8.634   1.00 30.09 ? 25  GLU A N   1 
ATOM   193 C  CA  . GLU A 1 33 ? -3.098  0.352   9.751   1.00 31.38 ? 25  GLU A CA  1 
ATOM   194 C  C   . GLU A 1 33 ? -4.336  1.212   9.565   1.00 30.39 ? 25  GLU A C   1 
ATOM   195 O  O   . GLU A 1 33 ? -5.432  0.822   9.956   1.00 32.57 ? 25  GLU A O   1 
ATOM   196 C  CB  . GLU A 1 33 ? -2.423  0.755   11.059  1.00 34.71 ? 25  GLU A CB  1 
ATOM   197 C  CG  . GLU A 1 33 ? -1.177  -0.032  11.393  1.00 41.23 ? 25  GLU A CG  1 
ATOM   198 C  CD  . GLU A 1 33 ? -0.731  0.195   12.822  1.00 44.85 ? 25  GLU A CD  1 
ATOM   199 O  OE1 . GLU A 1 33 ? 0.368   -0.277  13.187  1.00 46.82 ? 25  GLU A OE1 1 
ATOM   200 O  OE2 . GLU A 1 33 ? -1.490  0.839   13.581  1.00 47.55 ? 25  GLU A OE2 1 
ATOM   201 N  N   . SER A 1 34 ? -4.158  2.384   8.971   1.00 29.21 ? 26  SER A N   1 
ATOM   202 C  CA  . SER A 1 34 ? -5.263  3.309   8.756   1.00 29.12 ? 26  SER A CA  1 
ATOM   203 C  C   . SER A 1 34 ? -5.999  3.108   7.439   1.00 28.67 ? 26  SER A C   1 
ATOM   204 O  O   . SER A 1 34 ? -6.951  3.833   7.152   1.00 29.05 ? 26  SER A O   1 
ATOM   205 C  CB  . SER A 1 34 ? -4.751  4.755   8.829   1.00 28.47 ? 26  SER A CB  1 
ATOM   206 O  OG  . SER A 1 34 ? -3.822  5.014   7.779   1.00 28.95 ? 26  SER A OG  1 
ATOM   207 N  N   . ASN A 1 35 ? -5.570  2.129   6.645   1.00 29.76 ? 27  ASN A N   1 
ATOM   208 C  CA  . ASN A 1 35 ? -6.204  1.865   5.346   1.00 30.54 ? 27  ASN A CA  1 
ATOM   209 C  C   . ASN A 1 35 ? -6.312  3.119   4.498   1.00 27.56 ? 27  ASN A C   1 
ATOM   210 O  O   . ASN A 1 35 ? -7.302  3.313   3.796   1.00 25.60 ? 27  ASN A O   1 
ATOM   211 C  CB  . ASN A 1 35 ? -7.612  1.289   5.523   1.00 33.62 ? 27  ASN A CB  1 
ATOM   212 C  CG  . ASN A 1 35 ? -7.597  -0.171  5.873   1.00 36.44 ? 27  ASN A CG  1 
ATOM   213 O  OD1 . ASN A 1 35 ? -6.959  -0.965  5.192   1.00 42.25 ? 27  ASN A OD1 1 
ATOM   214 N  ND2 . ASN A 1 35 ? -8.314  -0.540  6.929   1.00 38.85 ? 27  ASN A ND2 1 
ATOM   215 N  N   . ALA A 1 36 ? -5.300  3.971   4.584   1.00 27.52 ? 28  ALA A N   1 
ATOM   216 C  CA  . ALA A 1 36 ? -5.270  5.210   3.828   1.00 28.17 ? 28  ALA A CA  1 
ATOM   217 C  C   . ALA A 1 36 ? -5.304  4.950   2.326   1.00 28.33 ? 28  ALA A C   1 
ATOM   218 O  O   . ALA A 1 36 ? -5.641  5.834   1.549   1.00 28.17 ? 28  ALA A O   1 
ATOM   219 C  CB  . ALA A 1 36 ? -4.024  5.997   4.188   1.00 29.55 ? 28  ALA A CB  1 
ATOM   220 N  N   . LEU A 1 37 ? -4.959  3.738   1.913   1.00 28.96 ? 29  LEU A N   1 
ATOM   221 C  CA  . LEU A 1 37 ? -4.955  3.420   0.492   1.00 30.80 ? 29  LEU A CA  1 
ATOM   222 C  C   . LEU A 1 37 ? -6.186  2.616   0.097   1.00 32.35 ? 29  LEU A C   1 
ATOM   223 O  O   . LEU A 1 37 ? -6.286  2.136   -1.033  1.00 34.99 ? 29  LEU A O   1 
ATOM   224 C  CB  . LEU A 1 37 ? -3.687  2.638   0.133   1.00 27.39 ? 29  LEU A CB  1 
ATOM   225 C  CG  . LEU A 1 37 ? -2.358  3.295   0.514   1.00 24.70 ? 29  LEU A CG  1 
ATOM   226 C  CD1 . LEU A 1 37 ? -1.205  2.395   0.095   1.00 26.12 ? 29  LEU A CD1 1 
ATOM   227 C  CD2 . LEU A 1 37 ? -2.239  4.660   -0.155  1.00 25.29 ? 29  LEU A CD2 1 
ATOM   228 N  N   . GLY A 1 38 ? -7.119  2.469   1.030   1.00 33.27 ? 30  GLY A N   1 
ATOM   229 C  CA  . GLY A 1 38 ? -8.336  1.731   0.749   1.00 33.06 ? 30  GLY A CA  1 
ATOM   230 C  C   . GLY A 1 38 ? -8.207  0.261   1.094   1.00 33.92 ? 30  GLY A C   1 
ATOM   231 O  O   . GLY A 1 38 ? -9.206  -0.429  1.292   1.00 34.81 ? 30  GLY A O   1 
ATOM   232 N  N   . LYS A 1 39 ? -6.974  -0.226  1.161   1.00 33.71 ? 31  LYS A N   1 
ATOM   233 C  CA  . LYS A 1 39 ? -6.742  -1.621  1.494   1.00 33.88 ? 31  LYS A CA  1 
ATOM   234 C  C   . LYS A 1 39 ? -5.354  -1.871  2.068   1.00 32.02 ? 31  LYS A C   1 
ATOM   235 O  O   . LYS A 1 39 ? -4.430  -1.091  1.842   1.00 30.83 ? 31  LYS A O   1 
ATOM   236 C  CB  . LYS A 1 39 ? -6.969  -2.491  0.257   1.00 37.35 ? 31  LYS A CB  1 
ATOM   237 C  CG  . LYS A 1 39 ? -6.157  -2.088  -0.949  1.00 39.46 ? 31  LYS A CG  1 
ATOM   238 C  CD  . LYS A 1 39 ? -6.591  -2.853  -2.190  1.00 41.51 ? 31  LYS A CD  1 
ATOM   239 C  CE  . LYS A 1 39 ? -8.057  -2.601  -2.552  1.00 44.01 ? 31  LYS A CE  1 
ATOM   240 N  NZ  . LYS A 1 39 ? -9.003  -3.412  -1.729  1.00 42.77 ? 31  LYS A NZ  1 
ATOM   241 N  N   . LYS A 1 40 ? -5.238  -2.957  2.829   1.00 30.35 ? 32  LYS A N   1 
ATOM   242 C  CA  . LYS A 1 40 ? -3.982  -3.365  3.456   1.00 29.89 ? 32  LYS A CA  1 
ATOM   243 C  C   . LYS A 1 40 ? -2.977  -3.762  2.392   1.00 29.26 ? 32  LYS A C   1 
ATOM   244 O  O   . LYS A 1 40 ? -3.343  -4.321  1.356   1.00 27.76 ? 32  LYS A O   1 
ATOM   245 C  CB  . LYS A 1 40 ? -4.194  -4.581  4.363   1.00 28.95 ? 32  LYS A CB  1 
ATOM   246 C  CG  . LYS A 1 40 ? -5.308  -4.444  5.376   1.00 27.00 ? 32  LYS A CG  1 
ATOM   247 C  CD  . LYS A 1 40 ? -5.016  -3.369  6.402   1.00 29.06 ? 32  LYS A CD  1 
ATOM   248 C  CE  . LYS A 1 40 ? -6.200  -3.192  7.349   1.00 27.66 ? 32  LYS A CE  1 
ATOM   249 N  NZ  . LYS A 1 40 ? -5.894  -2.212  8.427   1.00 23.77 ? 32  LYS A NZ  1 
ATOM   250 N  N   . PHE A 1 41 ? -1.706  -3.481  2.651   1.00 29.59 ? 33  PHE A N   1 
ATOM   251 C  CA  . PHE A 1 41 ? -0.657  -3.852  1.714   1.00 26.16 ? 33  PHE A CA  1 
ATOM   252 C  C   . PHE A 1 41 ? 0.511   -4.533  2.411   1.00 25.84 ? 33  PHE A C   1 
ATOM   253 O  O   . PHE A 1 41 ? 1.401   -5.071  1.758   1.00 25.76 ? 33  PHE A O   1 
ATOM   254 C  CB  . PHE A 1 41 ? -0.151  -2.629  0.940   1.00 25.19 ? 33  PHE A CB  1 
ATOM   255 C  CG  . PHE A 1 41 ? 0.408   -1.530  1.807   1.00 24.79 ? 33  PHE A CG  1 
ATOM   256 C  CD1 . PHE A 1 41 ? -0.421  -0.513  2.281   1.00 27.09 ? 33  PHE A CD1 1 
ATOM   257 C  CD2 . PHE A 1 41 ? 1.768   -1.478  2.101   1.00 21.17 ? 33  PHE A CD2 1 
ATOM   258 C  CE1 . PHE A 1 41 ? 0.104   0.550   3.033   1.00 28.22 ? 33  PHE A CE1 1 
ATOM   259 C  CE2 . PHE A 1 41 ? 2.304   -0.422  2.851   1.00 24.21 ? 33  PHE A CE2 1 
ATOM   260 C  CZ  . PHE A 1 41 ? 1.472   0.595   3.315   1.00 24.24 ? 33  PHE A CZ  1 
ATOM   261 N  N   . ILE A 1 42 ? 0.515   -4.513  3.738   1.00 24.48 ? 34  ILE A N   1 
ATOM   262 C  CA  . ILE A 1 42 ? 1.606   -5.145  4.461   1.00 24.88 ? 34  ILE A CA  1 
ATOM   263 C  C   . ILE A 1 42 ? 1.300   -6.604  4.733   1.00 24.09 ? 34  ILE A C   1 
ATOM   264 O  O   . ILE A 1 42 ? 0.349   -6.931  5.442   1.00 23.93 ? 34  ILE A O   1 
ATOM   265 C  CB  . ILE A 1 42 ? 1.894   -4.424  5.792   1.00 24.25 ? 34  ILE A CB  1 
ATOM   266 C  CG1 . ILE A 1 42 ? 2.342   -2.990  5.506   1.00 24.92 ? 34  ILE A CG1 1 
ATOM   267 C  CG2 . ILE A 1 42 ? 2.975   -5.168  6.581   1.00 27.11 ? 34  ILE A CG2 1 
ATOM   268 C  CD1 . ILE A 1 42 ? 2.833   -2.223  6.741   1.00 25.47 ? 34  ILE A CD1 1 
ATOM   269 N  N   . ILE A 1 43 ? 2.100   -7.482  4.147   1.00 25.44 ? 35  ILE A N   1 
ATOM   270 C  CA  . ILE A 1 43 ? 1.909   -8.908  4.348   1.00 25.85 ? 35  ILE A CA  1 
ATOM   271 C  C   . ILE A 1 43 ? 2.631   -9.332  5.619   1.00 28.11 ? 35  ILE A C   1 
ATOM   272 O  O   . ILE A 1 43 ? 2.138   -10.180 6.361   1.00 28.54 ? 35  ILE A O   1 
ATOM   273 C  CB  . ILE A 1 43 ? 2.438   -9.745  3.159   1.00 24.00 ? 35  ILE A CB  1 
ATOM   274 C  CG1 . ILE A 1 43 ? 1.606   -9.448  1.912   1.00 22.41 ? 35  ILE A CG1 1 
ATOM   275 C  CG2 . ILE A 1 43 ? 2.350   -11.253 3.487   1.00 21.08 ? 35  ILE A CG2 1 
ATOM   276 C  CD1 . ILE A 1 43 ? 2.202   -10.072 0.624   1.00 21.15 ? 35  ILE A CD1 1 
ATOM   277 N  N   . GLN A 1 44 ? 3.801   -8.752  5.872   1.00 29.72 ? 36  GLN A N   1 
ATOM   278 C  CA  . GLN A 1 44 ? 4.527   -9.089  7.089   1.00 33.00 ? 36  GLN A CA  1 
ATOM   279 C  C   . GLN A 1 44 ? 5.538   -8.031  7.510   1.00 32.79 ? 36  GLN A C   1 
ATOM   280 O  O   . GLN A 1 44 ? 6.279   -7.499  6.692   1.00 31.04 ? 36  GLN A O   1 
ATOM   281 C  CB  . GLN A 1 44 ? 5.230   -10.441 6.933   1.00 36.18 ? 36  GLN A CB  1 
ATOM   282 C  CG  . GLN A 1 44 ? 5.723   -11.032 8.250   1.00 42.02 ? 36  GLN A CG  1 
ATOM   283 C  CD  . GLN A 1 44 ? 5.870   -12.549 8.204   1.00 45.58 ? 36  GLN A CD  1 
ATOM   284 O  OE1 . GLN A 1 44 ? 6.238   -13.176 9.199   1.00 49.78 ? 36  GLN A OE1 1 
ATOM   285 N  NE2 . GLN A 1 44 ? 5.583   -13.143 7.049   1.00 45.54 ? 36  GLN A NE2 1 
ATOM   286 N  N   . ASP A 1 45 ? 5.555   -7.717  8.798   1.00 34.65 ? 37  ASP A N   1 
ATOM   287 C  CA  . ASP A 1 45 ? 6.510   -6.744  9.301   1.00 37.39 ? 37  ASP A CA  1 
ATOM   288 C  C   . ASP A 1 45 ? 7.793   -7.531  9.505   1.00 38.47 ? 37  ASP A C   1 
ATOM   289 O  O   . ASP A 1 45 ? 7.748   -8.726  9.794   1.00 39.46 ? 37  ASP A O   1 
ATOM   290 C  CB  . ASP A 1 45 ? 6.033   -6.152  10.626  1.00 38.53 ? 37  ASP A CB  1 
ATOM   291 C  CG  . ASP A 1 45 ? 6.833   -4.935  11.034  1.00 39.42 ? 37  ASP A CG  1 
ATOM   292 O  OD1 . ASP A 1 45 ? 6.592   -4.408  12.136  1.00 41.66 ? 37  ASP A OD1 1 
ATOM   293 O  OD2 . ASP A 1 45 ? 7.704   -4.504  10.253  1.00 40.22 ? 37  ASP A OD2 1 
ATOM   294 N  N   . ILE A 1 46 ? 8.941   -6.883  9.354   1.00 40.82 ? 38  ILE A N   1 
ATOM   295 C  CA  . ILE A 1 46 ? 10.192  -7.608  9.510   1.00 41.21 ? 38  ILE A CA  1 
ATOM   296 C  C   . ILE A 1 46 ? 11.163  -6.947  10.466  1.00 42.27 ? 38  ILE A C   1 
ATOM   297 O  O   . ILE A 1 46 ? 11.289  -7.357  11.617  1.00 41.66 ? 38  ILE A O   1 
ATOM   298 C  CB  . ILE A 1 46 ? 10.880  -7.796  8.145   1.00 41.08 ? 38  ILE A CB  1 
ATOM   299 C  CG1 . ILE A 1 46 ? 9.947   -8.573  7.209   1.00 40.43 ? 38  ILE A CG1 1 
ATOM   300 C  CG2 . ILE A 1 46 ? 12.210  -8.519  8.323   1.00 40.52 ? 38  ILE A CG2 1 
ATOM   301 C  CD1 . ILE A 1 46 ? 10.510  -8.821  5.830   1.00 42.13 ? 38  ILE A CD1 1 
ATOM   302 N  N   . ASP A 1 47 ? 11.840  -5.917  9.979   1.00 43.17 ? 39  ASP A N   1 
ATOM   303 C  CA  . ASP A 1 47 ? 12.825  -5.198  10.766  1.00 44.76 ? 39  ASP A CA  1 
ATOM   304 C  C   . ASP A 1 47 ? 12.349  -3.763  10.914  1.00 44.24 ? 39  ASP A C   1 
ATOM   305 O  O   . ASP A 1 47 ? 11.237  -3.429  10.509  1.00 44.15 ? 39  ASP A O   1 
ATOM   306 C  CB  . ASP A 1 47 ? 14.171  -5.248  10.032  1.00 46.38 ? 39  ASP A CB  1 
ATOM   307 C  CG  . ASP A 1 47 ? 15.350  -5.185  10.969  1.00 50.90 ? 39  ASP A CG  1 
ATOM   308 O  OD1 . ASP A 1 47 ? 16.440  -5.632  10.546  1.00 53.18 ? 39  ASP A OD1 1 
ATOM   309 O  OD2 . ASP A 1 47 ? 15.195  -4.682  12.109  1.00 53.02 ? 39  ASP A OD2 1 
ATOM   310 N  N   . ASP A 1 48 ? 13.190  -2.913  11.493  1.00 43.29 ? 40  ASP A N   1 
ATOM   311 C  CA  . ASP A 1 48 ? 12.839  -1.509  11.669  1.00 41.79 ? 40  ASP A CA  1 
ATOM   312 C  C   . ASP A 1 48 ? 13.058  -0.770  10.351  1.00 39.51 ? 40  ASP A C   1 
ATOM   313 O  O   . ASP A 1 48 ? 12.686  0.400   10.210  1.00 37.08 ? 40  ASP A O   1 
ATOM   314 C  CB  . ASP A 1 48 ? 13.720  -0.871  12.738  1.00 43.82 ? 40  ASP A CB  1 
ATOM   315 C  CG  . ASP A 1 48 ? 15.101  -0.549  12.223  1.00 45.39 ? 40  ASP A CG  1 
ATOM   316 O  OD1 . ASP A 1 48 ? 15.920  -1.480  12.060  1.00 47.04 ? 40  ASP A OD1 1 
ATOM   317 O  OD2 . ASP A 1 48 ? 15.363  0.644   11.965  1.00 49.04 ? 40  ASP A OD2 1 
ATOM   318 N  N   . THR A 1 49 ? 13.677  -1.466  9.398   1.00 36.69 ? 41  THR A N   1 
ATOM   319 C  CA  . THR A 1 49 ? 13.973  -0.905  8.079   1.00 35.12 ? 41  THR A CA  1 
ATOM   320 C  C   . THR A 1 49 ? 13.542  -1.842  6.940   1.00 33.51 ? 41  THR A C   1 
ATOM   321 O  O   . THR A 1 49 ? 13.900  -1.626  5.777   1.00 32.44 ? 41  THR A O   1 
ATOM   322 C  CB  . THR A 1 49 ? 15.495  -0.620  7.934   1.00 35.72 ? 41  THR A CB  1 
ATOM   323 O  OG1 . THR A 1 49 ? 16.224  -1.836  8.127   1.00 32.62 ? 41  THR A OG1 1 
ATOM   324 C  CG2 . THR A 1 49 ? 15.961  0.410   8.969   1.00 33.23 ? 41  THR A CG2 1 
ATOM   325 N  N   . HIS A 1 50 ? 12.769  -2.872  7.277   1.00 31.38 ? 42  HIS A N   1 
ATOM   326 C  CA  . HIS A 1 50 ? 12.305  -3.845  6.288   1.00 31.40 ? 42  HIS A CA  1 
ATOM   327 C  C   . HIS A 1 50 ? 10.833  -4.246  6.457   1.00 30.06 ? 42  HIS A C   1 
ATOM   328 O  O   . HIS A 1 50 ? 10.366  -4.494  7.566   1.00 29.34 ? 42  HIS A O   1 
ATOM   329 C  CB  . HIS A 1 50 ? 13.145  -5.126  6.351   1.00 31.35 ? 42  HIS A CB  1 
ATOM   330 C  CG  . HIS A 1 50 ? 14.559  -4.964  5.897   1.00 33.72 ? 42  HIS A CG  1 
ATOM   331 N  ND1 . HIS A 1 50 ? 15.560  -4.481  6.719   1.00 34.64 ? 42  HIS A ND1 1 
ATOM   332 C  CD2 . HIS A 1 50 ? 15.149  -5.225  4.706   1.00 30.93 ? 42  HIS A CD2 1 
ATOM   333 C  CE1 . HIS A 1 50 ? 16.697  -4.452  6.052   1.00 32.79 ? 42  HIS A CE1 1 
ATOM   334 N  NE2 . HIS A 1 50 ? 16.475  -4.900  4.827   1.00 32.58 ? 42  HIS A NE2 1 
ATOM   335 N  N   . VAL A 1 51 ? 10.121  -4.352  5.340   1.00 28.61 ? 43  VAL A N   1 
ATOM   336 C  CA  . VAL A 1 51 ? 8.721   -4.747  5.350   1.00 25.06 ? 43  VAL A CA  1 
ATOM   337 C  C   . VAL A 1 51 ? 8.422   -5.514  4.060   1.00 25.74 ? 43  VAL A C   1 
ATOM   338 O  O   . VAL A 1 51 ? 8.866   -5.126  2.981   1.00 25.08 ? 43  VAL A O   1 
ATOM   339 C  CB  . VAL A 1 51 ? 7.789   -3.497  5.464   1.00 27.14 ? 43  VAL A CB  1 
ATOM   340 C  CG1 . VAL A 1 51 ? 7.875   -2.654  4.197   1.00 26.24 ? 43  VAL A CG1 1 
ATOM   341 C  CG2 . VAL A 1 51 ? 6.358   -3.929  5.718   1.00 26.39 ? 43  VAL A CG2 1 
ATOM   342 N  N   . PHE A 1 52 ? 7.691   -6.619  4.167   1.00 23.70 ? 44  PHE A N   1 
ATOM   343 C  CA  . PHE A 1 52 ? 7.339   -7.398  2.988   1.00 22.01 ? 44  PHE A CA  1 
ATOM   344 C  C   . PHE A 1 52 ? 5.918   -6.988  2.610   1.00 20.05 ? 44  PHE A C   1 
ATOM   345 O  O   . PHE A 1 52 ? 4.998   -7.186  3.389   1.00 20.15 ? 44  PHE A O   1 
ATOM   346 C  CB  . PHE A 1 52 ? 7.390   -8.895  3.306   1.00 22.49 ? 44  PHE A CB  1 
ATOM   347 C  CG  . PHE A 1 52 ? 7.153   -9.790  2.113   1.00 21.56 ? 44  PHE A CG  1 
ATOM   348 C  CD1 . PHE A 1 52 ? 6.124   -10.723 2.117   1.00 23.65 ? 44  PHE A CD1 1 
ATOM   349 C  CD2 . PHE A 1 52 ? 7.982   -9.723  1.001   1.00 21.09 ? 44  PHE A CD2 1 
ATOM   350 C  CE1 . PHE A 1 52 ? 5.937   -11.594 1.031   1.00 23.96 ? 44  PHE A CE1 1 
ATOM   351 C  CE2 . PHE A 1 52 ? 7.803   -10.587 -0.086  1.00 21.27 ? 44  PHE A CE2 1 
ATOM   352 C  CZ  . PHE A 1 52 ? 6.776   -11.521 -0.071  1.00 19.64 ? 44  PHE A CZ  1 
ATOM   353 N  N   . VAL A 1 53 ? 5.740   -6.410  1.422   1.00 21.30 ? 45  VAL A N   1 
ATOM   354 C  CA  . VAL A 1 53 ? 4.415   -5.953  0.984   1.00 18.38 ? 45  VAL A CA  1 
ATOM   355 C  C   . VAL A 1 53 ? 3.905   -6.678  -0.271  1.00 21.12 ? 45  VAL A C   1 
ATOM   356 O  O   . VAL A 1 53 ? 4.651   -7.422  -0.919  1.00 18.10 ? 45  VAL A O   1 
ATOM   357 C  CB  . VAL A 1 53 ? 4.426   -4.441  0.676   1.00 17.34 ? 45  VAL A CB  1 
ATOM   358 C  CG1 . VAL A 1 53 ? 5.009   -3.657  1.869   1.00 16.52 ? 45  VAL A CG1 1 
ATOM   359 C  CG2 . VAL A 1 53 ? 5.237   -4.174  -0.594  1.00 14.05 ? 45  VAL A CG2 1 
ATOM   360 N  N   . ILE A 1 54 ? 2.636   -6.443  -0.614  1.00 23.06 ? 46  ILE A N   1 
ATOM   361 C  CA  . ILE A 1 54 ? 2.015   -7.067  -1.783  1.00 24.95 ? 46  ILE A CA  1 
ATOM   362 C  C   . ILE A 1 54 ? 2.732   -6.635  -3.051  1.00 27.12 ? 46  ILE A C   1 
ATOM   363 O  O   . ILE A 1 54 ? 3.222   -5.510  -3.135  1.00 29.66 ? 46  ILE A O   1 
ATOM   364 C  CB  . ILE A 1 54 ? 0.519   -6.677  -1.928  1.00 25.88 ? 46  ILE A CB  1 
ATOM   365 C  CG1 . ILE A 1 54 ? 0.375   -5.162  -2.084  1.00 27.71 ? 46  ILE A CG1 1 
ATOM   366 C  CG2 . ILE A 1 54 ? -0.282  -7.150  -0.715  1.00 25.01 ? 46  ILE A CG2 1 
ATOM   367 C  CD1 . ILE A 1 54 ? -1.084  -4.716  -2.299  1.00 28.23 ? 46  ILE A CD1 1 
ATOM   368 N  N   . ALA A 1 55 ? 2.789   -7.522  -4.039  1.00 28.36 ? 47  ALA A N   1 
ATOM   369 C  CA  . ALA A 1 55 ? 3.451   -7.200  -5.296  1.00 30.93 ? 47  ALA A CA  1 
ATOM   370 C  C   . ALA A 1 55 ? 2.829   -6.007  -6.022  1.00 31.01 ? 47  ALA A C   1 
ATOM   371 O  O   . ALA A 1 55 ? 3.536   -5.218  -6.633  1.00 32.49 ? 47  ALA A O   1 
ATOM   372 C  CB  . ALA A 1 55 ? 3.456   -8.423  -6.207  1.00 29.83 ? 47  ALA A CB  1 
ATOM   373 N  N   . GLU A 1 56 ? 1.511   -5.867  -5.946  1.00 31.71 ? 48  GLU A N   1 
ATOM   374 C  CA  . GLU A 1 56 ? 0.839   -4.768  -6.631  1.00 33.20 ? 48  GLU A CA  1 
ATOM   375 C  C   . GLU A 1 56 ? 0.619   -3.508  -5.797  1.00 31.75 ? 48  GLU A C   1 
ATOM   376 O  O   . GLU A 1 56 ? -0.427  -2.861  -5.897  1.00 30.84 ? 48  GLU A O   1 
ATOM   377 C  CB  . GLU A 1 56 ? -0.506  -5.236  -7.200  1.00 38.41 ? 48  GLU A CB  1 
ATOM   378 C  CG  . GLU A 1 56 ? -1.368  -6.059  -6.247  1.00 42.09 ? 48  GLU A CG  1 
ATOM   379 C  CD  . GLU A 1 56 ? -0.891  -7.493  -6.130  1.00 46.82 ? 48  GLU A CD  1 
ATOM   380 O  OE1 . GLU A 1 56 ? 0.043   -7.753  -5.344  1.00 49.13 ? 48  GLU A OE1 1 
ATOM   381 O  OE2 . GLU A 1 56 ? -1.441  -8.360  -6.839  1.00 48.27 ? 48  GLU A OE2 1 
ATOM   382 N  N   . LEU A 1 57 ? 1.606   -3.151  -4.986  1.00 29.04 ? 49  LEU A N   1 
ATOM   383 C  CA  . LEU A 1 57 ? 1.503   -1.959  -4.157  1.00 29.00 ? 49  LEU A CA  1 
ATOM   384 C  C   . LEU A 1 57 ? 1.376   -0.698  -5.007  1.00 29.31 ? 49  LEU A C   1 
ATOM   385 O  O   . LEU A 1 57 ? 0.610   0.204   -4.672  1.00 28.97 ? 49  LEU A O   1 
ATOM   386 C  CB  . LEU A 1 57 ? 2.732   -1.833  -3.239  1.00 26.95 ? 49  LEU A CB  1 
ATOM   387 C  CG  . LEU A 1 57 ? 2.795   -0.567  -2.372  1.00 26.54 ? 49  LEU A CG  1 
ATOM   388 C  CD1 . LEU A 1 57 ? 1.504   -0.423  -1.582  1.00 23.99 ? 49  LEU A CD1 1 
ATOM   389 C  CD2 . LEU A 1 57 ? 3.986   -0.634  -1.427  1.00 24.60 ? 49  LEU A CD2 1 
ATOM   390 N  N   . VAL A 1 58 ? 2.129   -0.629  -6.103  1.00 29.68 ? 50  VAL A N   1 
ATOM   391 C  CA  . VAL A 1 58 ? 2.077   0.547   -6.957  1.00 31.40 ? 50  VAL A CA  1 
ATOM   392 C  C   . VAL A 1 58 ? 0.669   0.749   -7.529  1.00 32.24 ? 50  VAL A C   1 
ATOM   393 O  O   . VAL A 1 58 ? 0.122   1.853   -7.450  1.00 31.78 ? 50  VAL A O   1 
ATOM   394 C  CB  . VAL A 1 58 ? 3.140   0.471   -8.080  1.00 30.32 ? 50  VAL A CB  1 
ATOM   395 C  CG1 . VAL A 1 58 ? 4.523   0.377   -7.459  1.00 28.36 ? 50  VAL A CG1 1 
ATOM   396 C  CG2 . VAL A 1 58 ? 2.893   -0.715  -8.987  1.00 31.26 ? 50  VAL A CG2 1 
ATOM   397 N  N   . ASN A 1 59 ? 0.076   -0.317  -8.071  1.00 32.67 ? 51  ASN A N   1 
ATOM   398 C  CA  . ASN A 1 59 ? -1.285  -0.256  -8.619  1.00 32.64 ? 51  ASN A CA  1 
ATOM   399 C  C   . ASN A 1 59 ? -2.256  0.249   -7.554  1.00 31.49 ? 51  ASN A C   1 
ATOM   400 O  O   . ASN A 1 59 ? -3.129  1.070   -7.832  1.00 30.96 ? 51  ASN A O   1 
ATOM   401 C  CB  . ASN A 1 59 ? -1.753  -1.649  -9.063  1.00 36.34 ? 51  ASN A CB  1 
ATOM   402 C  CG  . ASN A 1 59 ? -1.341  -1.993  -10.483 1.00 40.06 ? 51  ASN A CG  1 
ATOM   403 O  OD1 . ASN A 1 59 ? -1.491  -3.136  -10.920 1.00 42.68 ? 51  ASN A OD1 1 
ATOM   404 N  ND2 . ASN A 1 59 ? -0.833  -1.010  -11.217 1.00 42.04 ? 51  ASN A ND2 1 
ATOM   405 N  N   . VAL A 1 60 ? -2.108  -0.262  -6.334  1.00 31.05 ? 52  VAL A N   1 
ATOM   406 C  CA  . VAL A 1 60 ? -2.981  0.138   -5.237  1.00 30.53 ? 52  VAL A CA  1 
ATOM   407 C  C   . VAL A 1 60 ? -2.861  1.637   -5.014  1.00 29.04 ? 52  VAL A C   1 
ATOM   408 O  O   . VAL A 1 60 ? -3.863  2.347   -4.907  1.00 29.12 ? 52  VAL A O   1 
ATOM   409 C  CB  . VAL A 1 60 ? -2.617  -0.601  -3.921  1.00 30.58 ? 52  VAL A CB  1 
ATOM   410 C  CG1 . VAL A 1 60 ? -3.443  -0.050  -2.763  1.00 31.40 ? 52  VAL A CG1 1 
ATOM   411 C  CG2 . VAL A 1 60 ? -2.869  -2.085  -4.078  1.00 29.16 ? 52  VAL A CG2 1 
ATOM   412 N  N   . LEU A 1 61 ? -1.625  2.114   -4.953  1.00 27.17 ? 53  LEU A N   1 
ATOM   413 C  CA  . LEU A 1 61 ? -1.368  3.530   -4.743  1.00 28.96 ? 53  LEU A CA  1 
ATOM   414 C  C   . LEU A 1 61 ? -1.859  4.353   -5.943  1.00 29.53 ? 53  LEU A C   1 
ATOM   415 O  O   . LEU A 1 61 ? -2.385  5.455   -5.780  1.00 26.20 ? 53  LEU A O   1 
ATOM   416 C  CB  . LEU A 1 61 ? 0.133   3.744   -4.506  1.00 29.97 ? 53  LEU A CB  1 
ATOM   417 C  CG  . LEU A 1 61 ? 0.638   5.099   -4.010  1.00 33.41 ? 53  LEU A CG  1 
ATOM   418 C  CD1 . LEU A 1 61 ? -0.062  5.489   -2.721  1.00 32.37 ? 53  LEU A CD1 1 
ATOM   419 C  CD2 . LEU A 1 61 ? 2.142   5.007   -3.794  1.00 34.65 ? 53  LEU A CD2 1 
ATOM   420 N  N   . GLN A 1 62 ? -1.703  3.808   -7.144  1.00 31.04 ? 54  GLN A N   1 
ATOM   421 C  CA  . GLN A 1 62 ? -2.144  4.499   -8.353  1.00 37.23 ? 54  GLN A CA  1 
ATOM   422 C  C   . GLN A 1 62 ? -3.665  4.590   -8.384  1.00 39.01 ? 54  GLN A C   1 
ATOM   423 O  O   . GLN A 1 62 ? -4.237  5.538   -8.920  1.00 41.01 ? 54  GLN A O   1 
ATOM   424 C  CB  . GLN A 1 62 ? -1.646  3.755   -9.594  1.00 39.14 ? 54  GLN A CB  1 
ATOM   425 C  CG  . GLN A 1 62 ? -1.893  4.476   -10.905 1.00 41.52 ? 54  GLN A CG  1 
ATOM   426 C  CD  . GLN A 1 62 ? -1.111  3.854   -12.056 1.00 44.90 ? 54  GLN A CD  1 
ATOM   427 O  OE1 . GLN A 1 62 ? -1.356  2.710   -12.444 1.00 45.87 ? 54  GLN A OE1 1 
ATOM   428 N  NE2 . GLN A 1 62 ? -0.154  4.605   -12.596 1.00 44.32 ? 54  GLN A NE2 1 
ATOM   429 N  N   . GLU A 1 63 ? -4.312  3.590   -7.797  1.00 39.53 ? 55  GLU A N   1 
ATOM   430 C  CA  . GLU A 1 63 ? -5.761  3.531   -7.734  1.00 38.15 ? 55  GLU A CA  1 
ATOM   431 C  C   . GLU A 1 63 ? -6.300  4.498   -6.682  1.00 35.77 ? 55  GLU A C   1 
ATOM   432 O  O   . GLU A 1 63 ? -7.330  5.141   -6.882  1.00 34.44 ? 55  GLU A O   1 
ATOM   433 C  CB  . GLU A 1 63 ? -6.188  2.105   -7.401  1.00 40.71 ? 55  GLU A CB  1 
ATOM   434 C  CG  . GLU A 1 63 ? -7.687  1.880   -7.412  1.00 46.46 ? 55  GLU A CG  1 
ATOM   435 C  CD  . GLU A 1 63 ? -8.043  0.411   -7.323  1.00 50.26 ? 55  GLU A CD  1 
ATOM   436 O  OE1 . GLU A 1 63 ? -7.541  -0.362  -8.169  1.00 51.03 ? 55  GLU A OE1 1 
ATOM   437 O  OE2 . GLU A 1 63 ? -8.823  0.036   -6.416  1.00 53.78 ? 55  GLU A OE2 1 
ATOM   438 N  N   . ARG A 1 64 ? -5.601  4.581   -5.555  1.00 34.06 ? 56  ARG A N   1 
ATOM   439 C  CA  . ARG A 1 64 ? -5.993  5.466   -4.463  1.00 31.94 ? 56  ARG A CA  1 
ATOM   440 C  C   . ARG A 1 64 ? -5.912  6.937   -4.860  1.00 30.12 ? 56  ARG A C   1 
ATOM   441 O  O   . ARG A 1 64 ? -6.823  7.716   -4.582  1.00 28.38 ? 56  ARG A O   1 
ATOM   442 C  CB  . ARG A 1 64 ? -5.098  5.227   -3.247  1.00 32.18 ? 56  ARG A CB  1 
ATOM   443 C  CG  . ARG A 1 64 ? -5.347  6.194   -2.113  1.00 34.50 ? 56  ARG A CG  1 
ATOM   444 C  CD  . ARG A 1 64 ? -6.718  5.973   -1.508  1.00 38.10 ? 56  ARG A CD  1 
ATOM   445 N  NE  . ARG A 1 64 ? -7.107  7.076   -0.635  1.00 43.25 ? 56  ARG A NE  1 
ATOM   446 C  CZ  . ARG A 1 64 ? -8.225  7.107   0.079   1.00 42.69 ? 56  ARG A CZ  1 
ATOM   447 N  NH1 . ARG A 1 64 ? -9.070  6.087   0.032   1.00 46.26 ? 56  ARG A NH1 1 
ATOM   448 N  NH2 . ARG A 1 64 ? -8.501  8.162   0.831   1.00 43.61 ? 56  ARG A NH2 1 
ATOM   449 N  N   . VAL A 1 65 ? -4.810  7.308   -5.501  1.00 30.45 ? 57  VAL A N   1 
ATOM   450 C  CA  . VAL A 1 65 ? -4.591  8.683   -5.933  1.00 30.96 ? 57  VAL A CA  1 
ATOM   451 C  C   . VAL A 1 65 ? -5.656  9.148   -6.924  1.00 30.94 ? 57  VAL A C   1 
ATOM   452 O  O   . VAL A 1 65 ? -6.000  10.329  -6.959  1.00 32.06 ? 57  VAL A O   1 
ATOM   453 C  CB  . VAL A 1 65 ? -3.184  8.843   -6.549  1.00 28.61 ? 57  VAL A CB  1 
ATOM   454 C  CG1 . VAL A 1 65 ? -3.014  10.237  -7.122  1.00 30.85 ? 57  VAL A CG1 1 
ATOM   455 C  CG2 . VAL A 1 65 ? -2.126  8.584   -5.479  1.00 28.28 ? 57  VAL A CG2 1 
ATOM   456 N  N   . GLY A 1 66 ? -6.187  8.212   -7.709  1.00 32.00 ? 58  GLY A N   1 
ATOM   457 C  CA  . GLY A 1 66 ? -7.224  8.542   -8.673  1.00 30.29 ? 58  GLY A CA  1 
ATOM   458 C  C   . GLY A 1 66 ? -8.459  9.105   -7.997  1.00 31.57 ? 58  GLY A C   1 
ATOM   459 O  O   . GLY A 1 66 ? -9.024  10.099  -8.447  1.00 30.92 ? 58  GLY A O   1 
ATOM   460 N  N   . GLU A 1 67 ? -8.878  8.469   -6.909  1.00 33.22 ? 59  GLU A N   1 
ATOM   461 C  CA  . GLU A 1 67 ? -10.053 8.923   -6.173  1.00 35.15 ? 59  GLU A CA  1 
ATOM   462 C  C   . GLU A 1 67 ? -9.809  10.310  -5.591  1.00 37.24 ? 59  GLU A C   1 
ATOM   463 O  O   . GLU A 1 67 ? -10.755 11.039  -5.300  1.00 36.81 ? 59  GLU A O   1 
ATOM   464 C  CB  . GLU A 1 67 ? -10.383 7.954   -5.035  1.00 36.22 ? 59  GLU A CB  1 
ATOM   465 C  CG  . GLU A 1 67 ? -10.512 6.508   -5.481  1.00 38.71 ? 59  GLU A CG  1 
ATOM   466 C  CD  . GLU A 1 67 ? -10.617 5.538   -4.315  1.00 42.15 ? 59  GLU A CD  1 
ATOM   467 O  OE1 . GLU A 1 67 ? -10.690 4.319   -4.576  1.00 45.27 ? 59  GLU A OE1 1 
ATOM   468 O  OE2 . GLU A 1 67 ? -10.625 5.985   -3.146  1.00 42.66 ? 59  GLU A OE2 1 
ATOM   469 N  N   . LEU A 1 68 ? -8.539  10.677  -5.419  1.00 39.31 ? 60  LEU A N   1 
ATOM   470 C  CA  . LEU A 1 68 ? -8.202  11.991  -4.865  1.00 42.36 ? 60  LEU A CA  1 
ATOM   471 C  C   . LEU A 1 68 ? -8.366  13.125  -5.864  1.00 42.37 ? 60  LEU A C   1 
ATOM   472 O  O   . LEU A 1 68 ? -8.369  14.299  -5.491  1.00 40.49 ? 60  LEU A O   1 
ATOM   473 C  CB  . LEU A 1 68 ? -6.767  12.001  -4.326  1.00 42.76 ? 60  LEU A CB  1 
ATOM   474 C  CG  . LEU A 1 68 ? -6.532  11.203  -3.045  1.00 43.09 ? 60  LEU A CG  1 
ATOM   475 C  CD1 . LEU A 1 68 ? -5.044  11.153  -2.747  1.00 45.49 ? 60  LEU A CD1 1 
ATOM   476 C  CD2 . LEU A 1 68 ? -7.302  11.838  -1.904  1.00 42.30 ? 60  LEU A CD2 1 
HETATM 477 N  N   . MSE A 1 69 ? -8.499  12.778  -7.137  1.00 44.17 ? 61  MSE A N   1 
HETATM 478 C  CA  . MSE A 1 69 ? -8.661  13.799  -8.160  1.00 46.73 ? 61  MSE A CA  1 
HETATM 479 C  C   . MSE A 1 69 ? -9.945  14.578  -7.925  1.00 46.07 ? 61  MSE A C   1 
HETATM 480 O  O   . MSE A 1 69 ? -10.780 14.181  -7.107  1.00 43.98 ? 61  MSE A O   1 
HETATM 481 C  CB  . MSE A 1 69 ? -8.690  13.168  -9.550  1.00 51.83 ? 61  MSE A CB  1 
HETATM 482 C  CG  . MSE A 1 69 ? -7.377  12.490  -9.940  1.00 59.54 ? 61  MSE A CG  1 
HETATM 483 SE SE  . MSE A 1 69 ? -5.865  13.696  -9.723  1.00 71.92 ? 61  MSE A SE  1 
HETATM 484 C  CE  . MSE A 1 69 ? -6.565  15.205  -10.737 1.00 65.56 ? 61  MSE A CE  1 
ATOM   485 N  N   . ASP A 1 70 ? -10.091 15.689  -8.639  1.00 45.86 ? 62  ASP A N   1 
ATOM   486 C  CA  . ASP A 1 70 ? -11.273 16.533  -8.523  1.00 47.22 ? 62  ASP A CA  1 
ATOM   487 C  C   . ASP A 1 70 ? -12.492 15.910  -9.170  1.00 46.85 ? 62  ASP A C   1 
ATOM   488 O  O   . ASP A 1 70 ? -12.427 15.419  -10.297 1.00 47.88 ? 62  ASP A O   1 
ATOM   489 C  CB  . ASP A 1 70 ? -11.016 17.887  -9.178  1.00 49.02 ? 62  ASP A CB  1 
ATOM   490 C  CG  . ASP A 1 70 ? -10.422 18.888  -8.225  1.00 49.44 ? 62  ASP A CG  1 
ATOM   491 O  OD1 . ASP A 1 70 ? -9.789  18.462  -7.238  1.00 49.78 ? 62  ASP A OD1 1 
ATOM   492 O  OD2 . ASP A 1 70 ? -10.586 20.101  -8.471  1.00 53.72 ? 62  ASP A OD2 1 
ATOM   493 N  N   . GLN A 1 71 ? -13.604 15.948  -8.446  1.00 46.22 ? 63  GLN A N   1 
ATOM   494 C  CA  . GLN A 1 71 ? -14.866 15.418  -8.931  1.00 45.46 ? 63  GLN A CA  1 
ATOM   495 C  C   . GLN A 1 71 ? -15.361 16.212  -10.140 1.00 43.15 ? 63  GLN A C   1 
ATOM   496 O  O   . GLN A 1 71 ? -15.135 17.421  -10.235 1.00 39.85 ? 63  GLN A O   1 
ATOM   497 C  CB  . GLN A 1 71 ? -15.927 15.505  -7.829  1.00 48.16 ? 63  GLN A CB  1 
ATOM   498 C  CG  . GLN A 1 71 ? -15.688 14.615  -6.623  1.00 51.58 ? 63  GLN A CG  1 
ATOM   499 C  CD  . GLN A 1 71 ? -15.875 13.145  -6.935  1.00 52.43 ? 63  GLN A CD  1 
ATOM   500 O  OE1 . GLN A 1 71 ? -15.011 12.507  -7.541  1.00 52.84 ? 63  GLN A OE1 1 
ATOM   501 N  NE2 . GLN A 1 71 ? -17.019 12.599  -6.537  1.00 52.64 ? 63  GLN A NE2 1 
ATOM   502 N  N   . ASN A 1 72 ? -16.032 15.523  -11.061 1.00 40.99 ? 64  ASN A N   1 
ATOM   503 C  CA  . ASN A 1 72 ? -16.612 16.167  -12.233 1.00 37.30 ? 64  ASN A CA  1 
ATOM   504 C  C   . ASN A 1 72 ? -17.965 15.522  -12.553 1.00 34.60 ? 64  ASN A C   1 
ATOM   505 O  O   . ASN A 1 72 ? -18.407 14.617  -11.849 1.00 32.51 ? 64  ASN A O   1 
ATOM   506 C  CB  . ASN A 1 72 ? -15.655 16.107  -13.438 1.00 37.99 ? 64  ASN A CB  1 
ATOM   507 C  CG  . ASN A 1 72 ? -15.301 14.693  -13.858 1.00 38.61 ? 64  ASN A CG  1 
ATOM   508 O  OD1 . ASN A 1 72 ? -16.128 13.961  -14.406 1.00 39.03 ? 64  ASN A OD1 1 
ATOM   509 N  ND2 . ASN A 1 72 ? -14.058 14.307  -13.613 1.00 39.29 ? 64  ASN A ND2 1 
ATOM   510 N  N   . ALA A 1 73 ? -18.619 16.008  -13.603 1.00 31.95 ? 65  ALA A N   1 
ATOM   511 C  CA  . ALA A 1 73 ? -19.929 15.520  -14.030 1.00 30.28 ? 65  ALA A CA  1 
ATOM   512 C  C   . ALA A 1 73 ? -20.033 14.019  -14.271 1.00 28.83 ? 65  ALA A C   1 
ATOM   513 O  O   . ALA A 1 73 ? -21.109 13.443  -14.127 1.00 29.13 ? 65  ALA A O   1 
ATOM   514 C  CB  . ALA A 1 73 ? -20.357 16.266  -15.289 1.00 27.78 ? 65  ALA A CB  1 
ATOM   515 N  N   . PHE A 1 74 ? -18.919 13.391  -14.630 1.00 29.00 ? 66  PHE A N   1 
ATOM   516 C  CA  . PHE A 1 74 ? -18.881 11.960  -14.929 1.00 31.53 ? 66  PHE A CA  1 
ATOM   517 C  C   . PHE A 1 74 ? -18.397 11.082  -13.775 1.00 32.08 ? 66  PHE A C   1 
ATOM   518 O  O   . PHE A 1 74 ? -18.377 9.857   -13.896 1.00 30.73 ? 66  PHE A O   1 
ATOM   519 C  CB  . PHE A 1 74 ? -17.990 11.719  -16.159 1.00 30.03 ? 66  PHE A CB  1 
ATOM   520 C  CG  . PHE A 1 74 ? -18.483 12.404  -17.409 1.00 30.58 ? 66  PHE A CG  1 
ATOM   521 C  CD1 . PHE A 1 74 ? -19.401 11.774  -18.252 1.00 30.49 ? 66  PHE A CD1 1 
ATOM   522 C  CD2 . PHE A 1 74 ? -18.051 13.690  -17.733 1.00 30.66 ? 66  PHE A CD2 1 
ATOM   523 C  CE1 . PHE A 1 74 ? -19.885 12.415  -19.400 1.00 28.54 ? 66  PHE A CE1 1 
ATOM   524 C  CE2 . PHE A 1 74 ? -18.529 14.342  -18.883 1.00 31.73 ? 66  PHE A CE2 1 
ATOM   525 C  CZ  . PHE A 1 74 ? -19.447 13.703  -19.717 1.00 28.26 ? 66  PHE A CZ  1 
ATOM   526 N  N   . SER A 1 75 ? -18.018 11.706  -12.660 1.00 33.65 ? 67  SER A N   1 
ATOM   527 C  CA  . SER A 1 75 ? -17.513 10.981  -11.488 1.00 36.38 ? 67  SER A CA  1 
ATOM   528 C  C   . SER A 1 75 ? -18.329 9.773   -11.024 1.00 37.12 ? 67  SER A C   1 
ATOM   529 O  O   . SER A 1 75 ? -17.762 8.789   -10.554 1.00 37.08 ? 67  SER A O   1 
ATOM   530 C  CB  . SER A 1 75 ? -17.346 11.942  -10.306 1.00 37.36 ? 67  SER A CB  1 
ATOM   531 O  OG  . SER A 1 75 ? -16.256 12.825  -10.508 1.00 40.04 ? 67  SER A OG  1 
ATOM   532 N  N   . LEU A 1 76 ? -19.652 9.843   -11.144 1.00 37.48 ? 68  LEU A N   1 
ATOM   533 C  CA  . LEU A 1 76 ? -20.496 8.736   -10.706 1.00 38.49 ? 68  LEU A CA  1 
ATOM   534 C  C   . LEU A 1 76 ? -20.937 7.782   -11.816 1.00 39.21 ? 68  LEU A C   1 
ATOM   535 O  O   . LEU A 1 76 ? -21.152 6.593   -11.568 1.00 38.39 ? 68  LEU A O   1 
ATOM   536 C  CB  . LEU A 1 76 ? -21.723 9.278   -9.963  1.00 38.30 ? 68  LEU A CB  1 
ATOM   537 C  CG  . LEU A 1 76 ? -21.437 10.146  -8.731  1.00 38.82 ? 68  LEU A CG  1 
ATOM   538 C  CD1 . LEU A 1 76 ? -22.736 10.702  -8.175  1.00 39.32 ? 68  LEU A CD1 1 
ATOM   539 C  CD2 . LEU A 1 76 ? -20.715 9.328   -7.670  1.00 38.86 ? 68  LEU A CD2 1 
ATOM   540 N  N   . THR A 1 77 ? -21.087 8.288   -13.034 1.00 39.91 ? 69  THR A N   1 
ATOM   541 C  CA  . THR A 1 77 ? -21.506 7.423   -14.136 1.00 41.41 ? 69  THR A CA  1 
ATOM   542 C  C   . THR A 1 77 ? -20.357 6.612   -14.712 1.00 42.76 ? 69  THR A C   1 
ATOM   543 O  O   . THR A 1 77 ? -20.579 5.646   -15.428 1.00 42.29 ? 69  THR A O   1 
ATOM   544 C  CB  . THR A 1 77 ? -22.167 8.219   -15.289 1.00 39.39 ? 69  THR A CB  1 
ATOM   545 O  OG1 . THR A 1 77 ? -21.360 9.358   -15.612 1.00 37.35 ? 69  THR A OG1 1 
ATOM   546 C  CG2 . THR A 1 77 ? -23.566 8.660   -14.899 1.00 39.63 ? 69  THR A CG2 1 
ATOM   547 N  N   . GLN A 1 78 ? -19.129 6.998   -14.399 1.00 46.81 ? 70  GLN A N   1 
ATOM   548 C  CA  . GLN A 1 78 ? -17.978 6.266   -14.911 1.00 51.51 ? 70  GLN A CA  1 
ATOM   549 C  C   . GLN A 1 78 ? -17.261 5.534   -13.778 1.00 53.50 ? 70  GLN A C   1 
ATOM   550 O  O   . GLN A 1 78 ? -16.589 4.527   -14.004 1.00 54.36 ? 70  GLN A O   1 
ATOM   551 C  CB  . GLN A 1 78 ? -17.006 7.227   -15.607 1.00 52.75 ? 70  GLN A CB  1 
ATOM   552 C  CG  . GLN A 1 78 ? -16.031 6.552   -16.568 1.00 55.85 ? 70  GLN A CG  1 
ATOM   553 C  CD  . GLN A 1 78 ? -16.713 6.030   -17.829 1.00 56.36 ? 70  GLN A CD  1 
ATOM   554 O  OE1 . GLN A 1 78 ? -17.228 6.807   -18.637 1.00 54.84 ? 70  GLN A OE1 1 
ATOM   555 N  NE2 . GLN A 1 78 ? -16.722 4.710   -17.998 1.00 55.32 ? 70  GLN A NE2 1 
ATOM   556 N  N   . LYS A 1 79 ? -17.417 6.045   -12.560 1.00 55.91 ? 71  LYS A N   1 
ATOM   557 C  CA  . LYS A 1 79 ? -16.773 5.467   -11.378 1.00 57.25 ? 71  LYS A CA  1 
ATOM   558 C  C   . LYS A 1 79 ? -17.778 5.087   -10.294 1.00 56.33 ? 71  LYS A C   1 
ATOM   559 O  O   . LYS A 1 79 ? -17.718 5.706   -9.212  1.00 56.56 ? 71  LYS A O   1 
ATOM   560 C  CB  . LYS A 1 79 ? -15.761 6.457   -10.781 1.00 57.85 ? 71  LYS A CB  1 
ATOM   561 C  CG  . LYS A 1 79 ? -14.745 7.010   -11.766 1.00 59.25 ? 71  LYS A CG  1 
ATOM   562 C  CD  . LYS A 1 79 ? -15.370 8.004   -12.732 1.00 60.16 ? 71  LYS A CD  1 
ATOM   563 C  CE  . LYS A 1 79 ? -14.341 8.505   -13.728 1.00 61.34 ? 71  LYS A CE  1 
ATOM   564 N  NZ  . LYS A 1 79 ? -14.914 9.495   -14.676 1.00 62.55 ? 71  LYS A NZ  1 
ATOM   565 O  OXT . LYS A 1 79 ? -18.602 4.184   -10.534 1.00 56.45 ? 71  LYS A OXT 1 
HETATM 566 O  O   . HOH B 2 .  ? -10.892 16.035  -13.241 1.00 48.61 ? 72  HOH A O   1 
HETATM 567 O  O   . HOH B 2 .  ? 3.818   -19.250 -3.226  1.00 59.41 ? 73  HOH A O   1 
HETATM 568 O  O   . HOH B 2 .  ? 15.222  -4.677  -0.448  1.00 32.40 ? 74  HOH A O   1 
HETATM 569 O  O   . HOH B 2 .  ? 11.302  2.376   11.603  1.00 27.24 ? 75  HOH A O   1 
HETATM 570 O  O   . HOH B 2 .  ? -2.926  4.562   12.049  1.00 44.59 ? 76  HOH A O   1 
HETATM 571 O  O   . HOH B 2 .  ? -10.295 3.446   9.219   1.00 46.14 ? 77  HOH A O   1 
HETATM 572 O  O   . HOH B 2 .  ? 0.502   -5.562  9.721   1.00 19.43 ? 78  HOH A O   1 
HETATM 573 O  O   . HOH B 2 .  ? -3.600  1.591   3.394   1.00 19.41 ? 79  HOH A O   1 
HETATM 574 O  O   . HOH B 2 .  ? 1.332   -5.820  13.706  1.00 44.03 ? 80  HOH A O   1 
HETATM 575 O  O   . HOH B 2 .  ? 3.298   -4.325  13.241  1.00 43.77 ? 81  HOH A O   1 
HETATM 576 O  O   . HOH B 2 .  ? 3.785   -8.885  10.480  1.00 25.66 ? 82  HOH A O   1 
HETATM 577 O  O   . HOH B 2 .  ? -1.303  -6.028  13.533  1.00 43.62 ? 83  HOH A O   1 
HETATM 578 O  O   . HOH B 2 .  ? -2.465  -7.341  11.784  1.00 47.51 ? 84  HOH A O   1 
HETATM 579 O  O   . HOH B 2 .  ? -2.604  -8.387  9.007   1.00 47.69 ? 85  HOH A O   1 
HETATM 580 O  O   . HOH B 2 .  ? -7.200  1.416   -3.830  1.00 42.16 ? 86  HOH A O   1 
HETATM 581 O  O   . HOH B 2 .  ? -5.396  -5.729  1.024   1.00 20.29 ? 87  HOH A O   1 
HETATM 582 O  O   . HOH B 2 .  ? 5.222   -15.624 8.615   1.00 55.48 ? 88  HOH A O   1 
HETATM 583 O  O   . HOH B 2 .  ? 16.113  -7.968  7.204   1.00 55.08 ? 89  HOH A O   1 
HETATM 584 O  O   . HOH B 2 .  ? 1.684   -9.952  -3.155  1.00 31.75 ? 90  HOH A O   1 
HETATM 585 O  O   . HOH B 2 .  ? -12.480 15.119  -4.633  1.00 44.42 ? 91  HOH A O   1 
HETATM 586 O  O   . HOH B 2 .  ? 2.530   -16.906 -3.403  1.00 50.10 ? 92  HOH A O   1 
HETATM 587 O  O   . HOH B 2 .  ? -10.507 5.878   6.532   1.00 46.83 ? 93  HOH A O   1 
HETATM 588 O  O   . HOH B 2 .  ? -8.675  7.019   5.293   1.00 44.97 ? 94  HOH A O   1 
HETATM 589 O  O   . HOH B 2 .  ? -4.095  9.080   1.348   1.00 39.63 ? 95  HOH A O   1 
HETATM 590 O  O   . HOH B 2 .  ? -2.083  8.898   -0.010  1.00 42.92 ? 96  HOH A O   1 
HETATM 591 O  O   . HOH B 2 .  ? -8.720  5.401   2.819   1.00 42.40 ? 97  HOH A O   1 
HETATM 592 O  O   . HOH B 2 .  ? 4.934   7.807   3.626   1.00 36.37 ? 98  HOH A O   1 
HETATM 593 O  O   . HOH B 2 .  ? 4.726   2.284   16.671  1.00 53.23 ? 99  HOH A O   1 
HETATM 594 O  O   . HOH B 2 .  ? 7.241   3.705   16.409  1.00 44.15 ? 100 HOH A O   1 
HETATM 595 O  O   . HOH B 2 .  ? 1.821   0.403   17.229  1.00 46.74 ? 101 HOH A O   1 
HETATM 596 O  O   . HOH B 2 .  ? 1.015   -2.801  -9.067  1.00 45.52 ? 102 HOH A O   1 
HETATM 597 O  O   . HOH B 2 .  ? -4.311  1.847   -11.902 1.00 64.98 ? 103 HOH A O   1 
HETATM 598 O  O   . HOH B 2 .  ? -10.599 15.954  -1.724  1.00 53.89 ? 104 HOH A O   1 
HETATM 599 O  O   . HOH B 2 .  ? -8.190  16.417  -1.248  1.00 49.22 ? 105 HOH A O   1 
HETATM 600 O  O   . HOH B 2 .  ? -5.726  15.720  -1.055  1.00 53.43 ? 106 HOH A O   1 
# 
